data_7ZID
#
_entry.id   7ZID
#
_cell.length_a   119.260
_cell.length_b   90.016
_cell.length_c   136.942
_cell.angle_alpha   90.000
_cell.angle_beta   108.866
_cell.angle_gamma   90.000
#
_symmetry.space_group_name_H-M   'I 1 2 1'
#
loop_
_entity.id
_entity.type
_entity.pdbx_description
1 polymer 'Aspartate carbamoyltransferase'
2 non-polymer GLYCEROL
3 non-polymer 'SULFATE ION'
4 non-polymer 'tert-butyl N-[3-(2-hydroxyethylcarbamoyl)-5-phenyl-thiophen-2-yl]carbamate'
5 water water
#
_entity_poly.entity_id   1
_entity_poly.type   'polypeptide(L)'
_entity_poly.pdbx_seq_one_letter_code
;MFYINSKYKIDLDKIMTKMKNKSVINIDDVDDEELLAILYTSKQFEKILKNNEDSKYLENKVFCSVFLEPSTRTRCSFDA
AILKLGSKVLNITDMNSTSFYKGETVEDAFKILSTYVDGIIYRDPSKKNVDIAVSSSSKPIINAGNGTGEHPTQSLLDFY
TIHNYFPFILDRNINKKLNIAFVGDLKNGRTVHSLSKLLSRYNVSFNFVSCKSLNIPKDIVNTITYNLKKNNFYSDDSIK
YFDNLEEGLEDVHIIYMTRIQKERFTDVDEYNQYKNAFILSNKTLENTRDDTKILHPLPRVNEIKVEVDSNPKSVYFTQA
ENGLYVRMALLYLIFSSTSSAWSHPQFEK
;
_entity_poly.pdbx_strand_id   A,B,C
#
# COMPACT_ATOMS: atom_id res chain seq x y z
N ASP A 13 27.66 0.25 20.67
CA ASP A 13 28.04 -0.44 19.40
C ASP A 13 28.27 -1.95 19.70
N LYS A 14 28.77 -2.30 20.89
CA LYS A 14 28.90 -3.72 21.35
C LYS A 14 27.55 -4.42 21.14
N ILE A 15 26.50 -3.83 21.74
CA ILE A 15 25.13 -4.44 21.83
C ILE A 15 24.46 -4.51 20.44
N MET A 16 24.63 -3.48 19.61
CA MET A 16 24.12 -3.49 18.20
C MET A 16 24.69 -4.69 17.41
N THR A 17 26.00 -4.91 17.43
CA THR A 17 26.66 -6.06 16.72
C THR A 17 25.95 -7.36 17.14
N LYS A 18 25.65 -7.51 18.43
CA LYS A 18 25.05 -8.73 19.01
C LYS A 18 23.58 -8.88 18.61
N MET A 19 22.87 -7.77 18.40
CA MET A 19 21.41 -7.73 18.08
C MET A 19 21.17 -7.90 16.57
N LYS A 20 22.20 -7.65 15.76
CA LYS A 20 22.14 -7.62 14.27
C LYS A 20 21.53 -8.94 13.81
N ASN A 21 20.44 -8.88 13.02
CA ASN A 21 19.78 -10.06 12.40
C ASN A 21 19.05 -10.91 13.44
N LYS A 22 18.73 -10.36 14.59
CA LYS A 22 17.95 -11.05 15.66
C LYS A 22 16.46 -11.07 15.22
N SER A 23 15.78 -12.19 15.36
CA SER A 23 14.32 -12.27 15.40
C SER A 23 13.84 -11.90 16.81
N VAL A 24 12.84 -11.06 16.95
CA VAL A 24 12.25 -10.74 18.28
C VAL A 24 10.81 -11.27 18.27
N ILE A 25 10.55 -12.31 19.03
CA ILE A 25 9.25 -13.03 19.03
C ILE A 25 8.58 -12.83 20.39
N ASN A 26 9.34 -12.95 21.47
CA ASN A 26 8.89 -12.96 22.88
C ASN A 26 9.70 -11.87 23.57
N ILE A 27 9.15 -11.25 24.61
CA ILE A 27 9.89 -10.25 25.43
C ILE A 27 11.12 -10.92 26.13
N ASP A 28 11.09 -12.24 26.33
CA ASP A 28 12.22 -13.00 26.94
C ASP A 28 13.36 -13.19 25.95
N ASP A 29 13.17 -12.88 24.68
CA ASP A 29 14.27 -12.85 23.67
C ASP A 29 15.08 -11.56 23.89
N VAL A 30 14.63 -10.64 24.73
CA VAL A 30 15.36 -9.37 25.01
C VAL A 30 15.96 -9.43 26.43
N ASP A 31 17.28 -9.27 26.53
CA ASP A 31 18.01 -9.35 27.82
C ASP A 31 18.25 -7.92 28.34
N ASP A 32 18.83 -7.86 29.54
CA ASP A 32 19.25 -6.63 30.23
C ASP A 32 19.93 -5.71 29.21
N GLU A 33 21.08 -6.10 28.68
CA GLU A 33 21.91 -5.19 27.84
C GLU A 33 21.09 -4.74 26.63
N GLU A 34 20.31 -5.64 26.02
CA GLU A 34 19.51 -5.33 24.80
C GLU A 34 18.44 -4.28 25.13
N LEU A 35 17.69 -4.49 26.21
CA LEU A 35 16.71 -3.51 26.72
C LEU A 35 17.35 -2.13 26.90
N LEU A 36 18.60 -2.05 27.33
CA LEU A 36 19.30 -0.76 27.56
C LEU A 36 19.55 -0.10 26.21
N ALA A 37 19.99 -0.86 25.22
CA ALA A 37 20.23 -0.32 23.84
C ALA A 37 18.89 0.19 23.27
N ILE A 38 17.84 -0.57 23.49
CA ILE A 38 16.51 -0.21 22.91
C ILE A 38 16.09 1.10 23.56
N LEU A 39 16.23 1.22 24.88
CA LEU A 39 15.75 2.42 25.64
C LEU A 39 16.58 3.65 25.28
N TYR A 40 17.87 3.46 25.14
CA TYR A 40 18.82 4.54 24.75
C TYR A 40 18.53 4.95 23.30
N THR A 41 18.31 4.00 22.39
CA THR A 41 18.07 4.31 20.97
C THR A 41 16.67 4.96 20.79
N SER A 42 15.65 4.44 21.47
CA SER A 42 14.27 4.97 21.38
C SER A 42 14.27 6.44 21.80
N LYS A 43 15.09 6.81 22.78
CA LYS A 43 15.20 8.20 23.30
C LYS A 43 15.84 9.05 22.23
N GLN A 44 16.82 8.51 21.52
CA GLN A 44 17.54 9.27 20.47
C GLN A 44 16.53 9.64 19.38
N PHE A 45 15.63 8.70 19.03
CA PHE A 45 14.61 8.91 17.96
C PHE A 45 13.58 9.89 18.46
N GLU A 46 13.17 9.81 19.73
CA GLU A 46 12.21 10.80 20.32
C GLU A 46 12.72 12.22 20.14
N LYS A 47 14.00 12.48 20.43
CA LYS A 47 14.56 13.85 20.40
C LYS A 47 14.71 14.29 18.94
N ILE A 48 15.22 13.39 18.09
CA ILE A 48 15.46 13.68 16.63
C ILE A 48 14.15 14.15 16.03
N LEU A 49 13.10 13.36 16.23
CA LEU A 49 11.75 13.65 15.65
C LEU A 49 11.17 14.91 16.30
N LYS A 50 11.23 15.05 17.63
CA LYS A 50 10.67 16.24 18.33
C LYS A 50 11.36 17.53 17.89
N ASN A 51 12.59 17.48 17.37
CA ASN A 51 13.37 18.67 16.93
C ASN A 51 13.37 18.78 15.41
N ASN A 52 12.49 18.02 14.75
CA ASN A 52 12.34 18.00 13.28
C ASN A 52 13.70 17.81 12.59
N GLU A 53 14.55 16.92 13.08
CA GLU A 53 15.86 16.62 12.45
C GLU A 53 15.70 15.44 11.47
N ASP A 54 16.67 15.25 10.57
CA ASP A 54 16.77 14.09 9.67
C ASP A 54 16.75 12.82 10.51
N SER A 55 15.98 11.82 10.10
CA SER A 55 15.74 10.56 10.85
C SER A 55 16.06 9.38 9.96
N LYS A 56 16.62 9.58 8.78
CA LYS A 56 16.81 8.51 7.79
C LYS A 56 18.07 7.69 8.12
N TYR A 57 18.05 6.98 9.25
CA TYR A 57 19.19 6.23 9.83
C TYR A 57 19.21 4.79 9.33
N LEU A 58 18.30 4.40 8.44
CA LEU A 58 18.19 3.02 7.90
C LEU A 58 17.50 3.07 6.53
N GLU A 59 18.22 3.57 5.52
CA GLU A 59 17.79 3.67 4.11
C GLU A 59 18.22 2.40 3.40
N ASN A 60 17.63 2.17 2.24
CA ASN A 60 18.08 1.09 1.32
C ASN A 60 17.62 -0.27 1.85
N LYS A 61 16.76 -0.35 2.85
CA LYS A 61 16.16 -1.62 3.30
C LYS A 61 14.75 -1.75 2.70
N VAL A 62 14.29 -2.97 2.46
CA VAL A 62 12.93 -3.28 1.93
C VAL A 62 12.32 -4.36 2.83
N PHE A 63 11.25 -4.06 3.55
CA PHE A 63 10.59 -5.02 4.47
C PHE A 63 9.27 -5.46 3.85
N CYS A 64 8.78 -6.60 4.31
CA CYS A 64 7.38 -7.08 4.10
C CYS A 64 6.70 -7.02 5.45
N SER A 65 5.58 -6.31 5.52
CA SER A 65 4.63 -6.28 6.66
C SER A 65 3.51 -7.26 6.31
N VAL A 66 3.36 -8.34 7.07
CA VAL A 66 2.29 -9.37 6.89
C VAL A 66 1.38 -9.32 8.11
N PHE A 67 0.16 -8.82 7.93
CA PHE A 67 -0.87 -8.66 8.96
C PHE A 67 -2.06 -9.51 8.56
N LEU A 68 -2.18 -10.69 9.14
CA LEU A 68 -3.24 -11.67 8.86
C LEU A 68 -4.35 -11.57 9.91
N GLU A 69 -4.44 -10.45 10.62
CA GLU A 69 -5.69 -10.01 11.29
C GLU A 69 -5.68 -8.50 11.21
N PRO A 70 -6.87 -7.85 11.16
CA PRO A 70 -6.98 -6.40 11.24
C PRO A 70 -6.30 -5.99 12.56
N SER A 71 -5.32 -5.09 12.47
CA SER A 71 -4.62 -4.56 13.66
C SER A 71 -3.97 -3.21 13.32
N THR A 72 -4.80 -2.36 12.74
CA THR A 72 -4.50 -1.02 12.19
C THR A 72 -3.46 -0.25 13.01
N ARG A 73 -3.66 -0.01 14.32
CA ARG A 73 -2.76 0.89 15.08
C ARG A 73 -1.31 0.35 15.02
N THR A 74 -1.11 -0.97 15.12
CA THR A 74 0.24 -1.59 15.26
C THR A 74 0.92 -1.59 13.90
N ARG A 75 0.11 -1.89 12.88
CA ARG A 75 0.55 -2.02 11.47
C ARG A 75 1.04 -0.64 11.00
N CYS A 76 0.21 0.38 11.20
CA CYS A 76 0.54 1.77 10.84
C CYS A 76 1.78 2.22 11.62
N SER A 77 1.91 1.79 12.85
CA SER A 77 3.02 2.15 13.74
C SER A 77 4.31 1.66 13.12
N PHE A 78 4.35 0.40 12.67
CA PHE A 78 5.59 -0.21 12.12
C PHE A 78 5.88 0.37 10.73
N ASP A 79 4.84 0.58 9.90
CA ASP A 79 4.95 1.18 8.55
C ASP A 79 5.54 2.58 8.69
N ALA A 80 5.00 3.44 9.55
CA ALA A 80 5.54 4.79 9.85
C ALA A 80 7.03 4.65 10.33
N ALA A 81 7.37 3.66 11.17
CA ALA A 81 8.75 3.53 11.69
C ALA A 81 9.72 3.32 10.52
N ILE A 82 9.37 2.37 9.65
CA ILE A 82 10.13 1.92 8.46
C ILE A 82 10.32 3.10 7.50
N LEU A 83 9.28 3.90 7.28
CA LEU A 83 9.30 5.00 6.31
C LEU A 83 10.09 6.18 6.93
N LYS A 84 9.88 6.50 8.20
CA LYS A 84 10.62 7.60 8.90
C LYS A 84 12.13 7.25 8.95
N LEU A 85 12.50 5.97 8.92
CA LEU A 85 13.92 5.56 8.93
C LEU A 85 14.47 5.70 7.52
N GLY A 86 13.61 5.94 6.54
CA GLY A 86 14.02 6.07 5.14
C GLY A 86 14.01 4.77 4.36
N SER A 87 13.47 3.68 4.90
CA SER A 87 13.33 2.42 4.12
C SER A 87 11.93 2.33 3.48
N LYS A 88 11.72 1.21 2.76
CA LYS A 88 10.53 0.91 1.94
C LYS A 88 9.85 -0.33 2.54
N VAL A 89 8.56 -0.52 2.29
CA VAL A 89 7.84 -1.72 2.84
C VAL A 89 6.75 -2.18 1.85
N LEU A 90 6.66 -3.46 1.53
CA LEU A 90 5.48 -4.00 0.84
C LEU A 90 4.59 -4.72 1.88
N ASN A 91 3.29 -4.44 1.83
CA ASN A 91 2.24 -4.80 2.82
C ASN A 91 1.37 -5.94 2.28
N ILE A 92 1.12 -6.95 3.11
CA ILE A 92 0.02 -7.94 3.02
C ILE A 92 -0.87 -7.71 4.24
N THR A 93 -2.18 -7.65 4.05
CA THR A 93 -3.11 -6.80 4.83
C THR A 93 -4.51 -7.33 4.52
N ASP A 94 -5.52 -6.98 5.32
CA ASP A 94 -6.97 -7.32 5.09
C ASP A 94 -7.12 -8.76 4.56
N MET A 95 -6.35 -9.70 5.13
CA MET A 95 -6.26 -11.14 4.76
C MET A 95 -6.12 -11.91 6.07
N ASN A 96 -6.54 -13.18 6.10
CA ASN A 96 -6.83 -13.95 7.35
C ASN A 96 -6.39 -15.42 7.15
N SER A 97 -5.10 -15.70 7.44
CA SER A 97 -4.49 -17.04 7.63
C SER A 97 -4.85 -17.95 6.46
N THR A 98 -6.11 -18.37 6.34
CA THR A 98 -6.53 -19.40 5.37
C THR A 98 -6.43 -18.83 3.94
N SER A 99 -6.78 -17.55 3.69
CA SER A 99 -6.79 -16.92 2.33
C SER A 99 -5.36 -16.56 1.86
N PHE A 100 -4.49 -16.11 2.77
CA PHE A 100 -3.00 -16.19 2.59
C PHE A 100 -2.73 -17.66 2.85
N TYR A 101 -1.67 -18.30 2.35
CA TYR A 101 -1.46 -19.77 2.51
C TYR A 101 -2.56 -20.52 1.78
N LYS A 102 -2.95 -19.96 0.62
CA LYS A 102 -4.11 -20.39 -0.18
C LYS A 102 -4.35 -21.88 0.12
N GLY A 103 -3.35 -22.72 -0.11
CA GLY A 103 -3.25 -24.06 0.50
C GLY A 103 -1.81 -24.42 0.84
N GLU A 104 -0.89 -23.47 0.77
CA GLU A 104 0.59 -23.65 0.78
C GLU A 104 1.06 -23.77 2.23
N THR A 105 2.10 -24.59 2.49
CA THR A 105 2.76 -24.73 3.82
C THR A 105 3.32 -23.38 4.24
N VAL A 106 3.20 -23.03 5.52
CA VAL A 106 3.75 -21.76 6.06
C VAL A 106 5.26 -21.77 5.78
N GLU A 107 5.88 -22.95 5.82
CA GLU A 107 7.35 -23.11 5.65
C GLU A 107 7.75 -22.71 4.21
N ASP A 108 7.08 -23.22 3.19
CA ASP A 108 7.36 -22.78 1.78
C ASP A 108 7.12 -21.26 1.65
N ALA A 109 6.01 -20.72 2.15
CA ALA A 109 5.61 -19.31 1.98
C ALA A 109 6.72 -18.41 2.52
N PHE A 110 7.25 -18.72 3.69
CA PHE A 110 8.29 -17.88 4.35
C PHE A 110 9.67 -18.13 3.73
N LYS A 111 9.98 -19.36 3.32
CA LYS A 111 11.26 -19.64 2.63
C LYS A 111 11.41 -18.76 1.39
N ILE A 112 10.33 -18.59 0.63
CA ILE A 112 10.28 -17.77 -0.62
C ILE A 112 10.22 -16.29 -0.27
N LEU A 113 9.30 -15.90 0.60
CA LEU A 113 9.06 -14.47 0.90
C LEU A 113 10.35 -13.83 1.40
N SER A 114 11.05 -14.52 2.29
CA SER A 114 12.29 -14.03 2.92
C SER A 114 13.43 -13.86 1.91
N THR A 115 13.35 -14.37 0.68
CA THR A 115 14.42 -14.13 -0.34
C THR A 115 14.21 -12.80 -1.06
N TYR A 116 13.02 -12.19 -1.01
CA TYR A 116 12.69 -10.92 -1.71
C TYR A 116 13.06 -9.69 -0.85
N VAL A 117 13.02 -9.85 0.47
CA VAL A 117 13.09 -8.71 1.43
C VAL A 117 14.18 -8.94 2.49
N ASP A 118 14.47 -7.89 3.25
CA ASP A 118 15.50 -7.85 4.30
C ASP A 118 14.92 -8.31 5.64
N GLY A 119 13.64 -8.10 5.88
CA GLY A 119 13.00 -8.50 7.14
C GLY A 119 11.51 -8.48 7.02
N ILE A 120 10.85 -9.16 7.94
CA ILE A 120 9.39 -9.34 7.90
C ILE A 120 8.85 -8.96 9.27
N ILE A 121 7.86 -8.09 9.27
CA ILE A 121 6.99 -7.84 10.43
C ILE A 121 5.78 -8.73 10.23
N TYR A 122 5.49 -9.59 11.19
CA TYR A 122 4.44 -10.62 11.06
C TYR A 122 3.47 -10.52 12.23
N ARG A 123 2.20 -10.28 11.95
CA ARG A 123 1.10 -10.49 12.93
C ARG A 123 0.16 -11.59 12.41
N ASP A 124 -0.15 -12.57 13.26
CA ASP A 124 -0.98 -13.76 12.95
C ASP A 124 -1.57 -14.26 14.27
N PRO A 125 -2.91 -14.36 14.40
CA PRO A 125 -3.49 -14.91 15.63
C PRO A 125 -2.96 -16.32 15.95
N SER A 126 -2.62 -17.15 14.99
CA SER A 126 -1.98 -18.47 15.23
C SER A 126 -0.65 -18.32 15.98
N LYS A 127 -0.60 -18.86 17.19
CA LYS A 127 0.64 -19.27 17.92
C LYS A 127 1.70 -19.90 16.98
N LYS A 128 1.39 -21.09 16.46
CA LYS A 128 2.28 -21.98 15.66
C LYS A 128 2.92 -21.22 14.51
N ASN A 129 2.11 -20.53 13.72
CA ASN A 129 2.49 -19.97 12.39
C ASN A 129 3.76 -19.11 12.53
N VAL A 130 3.83 -18.27 13.56
CA VAL A 130 5.01 -17.38 13.76
C VAL A 130 6.24 -18.22 14.06
N ASP A 131 6.11 -19.28 14.86
CA ASP A 131 7.30 -20.11 15.19
C ASP A 131 7.79 -20.79 13.91
N ILE A 132 6.88 -21.22 13.03
CA ILE A 132 7.25 -21.89 11.74
C ILE A 132 7.97 -20.89 10.85
N ALA A 133 7.35 -19.71 10.68
CA ALA A 133 7.90 -18.55 9.96
C ALA A 133 9.35 -18.31 10.37
N VAL A 134 9.68 -18.37 11.68
CA VAL A 134 11.08 -18.11 12.13
C VAL A 134 11.98 -19.28 11.70
N SER A 135 11.54 -20.53 11.86
CA SER A 135 12.30 -21.71 11.38
C SER A 135 12.66 -21.58 9.89
N SER A 136 11.70 -21.13 9.07
CA SER A 136 11.73 -21.25 7.59
C SER A 136 12.36 -20.02 6.94
N SER A 137 12.28 -18.88 7.62
CA SER A 137 12.68 -17.57 7.04
C SER A 137 14.21 -17.45 7.06
N SER A 138 14.82 -17.07 5.96
CA SER A 138 16.28 -16.79 5.88
C SER A 138 16.51 -15.37 6.37
N LYS A 139 15.45 -14.67 6.81
CA LYS A 139 15.51 -13.24 7.22
C LYS A 139 14.91 -13.06 8.61
N PRO A 140 15.33 -12.00 9.32
CA PRO A 140 14.81 -11.74 10.65
C PRO A 140 13.32 -11.42 10.61
N ILE A 141 12.59 -11.85 11.64
CA ILE A 141 11.13 -11.60 11.81
C ILE A 141 10.94 -10.83 13.11
N ILE A 142 10.12 -9.77 13.08
CA ILE A 142 9.65 -9.10 14.32
C ILE A 142 8.17 -9.45 14.48
N ASN A 143 7.85 -10.09 15.58
CA ASN A 143 6.48 -10.46 15.98
C ASN A 143 5.72 -9.20 16.37
N ALA A 144 4.63 -8.93 15.67
CA ALA A 144 3.78 -7.74 15.84
C ALA A 144 2.54 -8.13 16.63
N GLY A 145 2.52 -9.34 17.19
CA GLY A 145 1.39 -9.88 17.96
C GLY A 145 0.93 -11.23 17.41
N ASN A 146 0.79 -12.25 18.28
CA ASN A 146 0.17 -13.57 17.96
C ASN A 146 -0.78 -14.00 19.08
N GLY A 147 -1.39 -15.19 18.94
CA GLY A 147 -2.43 -15.73 19.86
C GLY A 147 -1.86 -16.76 20.82
N THR A 148 -0.70 -16.43 21.41
CA THR A 148 -0.19 -16.87 22.72
C THR A 148 -0.05 -15.65 23.64
N GLY A 149 -0.21 -14.43 23.10
CA GLY A 149 -0.10 -13.16 23.84
C GLY A 149 1.28 -12.54 23.75
N GLU A 150 2.23 -13.17 23.08
CA GLU A 150 3.54 -12.54 22.78
C GLU A 150 3.28 -11.26 21.96
N HIS A 151 3.71 -10.11 22.47
CA HIS A 151 3.68 -8.81 21.75
C HIS A 151 4.82 -7.95 22.25
N PRO A 152 6.06 -8.31 21.91
CA PRO A 152 7.23 -7.71 22.53
C PRO A 152 7.29 -6.18 22.42
N THR A 153 6.92 -5.64 21.28
CA THR A 153 7.00 -4.18 21.02
C THR A 153 6.05 -3.46 21.98
N GLN A 154 4.90 -4.05 22.31
CA GLN A 154 3.98 -3.39 23.27
C GLN A 154 4.62 -3.40 24.68
N SER A 155 5.16 -4.52 25.12
CA SER A 155 5.96 -4.56 26.37
C SER A 155 7.09 -3.52 26.30
N LEU A 156 7.83 -3.40 25.21
CA LEU A 156 8.99 -2.48 25.13
C LEU A 156 8.55 -1.03 25.28
N LEU A 157 7.44 -0.64 24.65
CA LEU A 157 6.97 0.78 24.66
C LEU A 157 6.26 1.05 26.00
N ASP A 158 5.58 0.06 26.59
CA ASP A 158 5.06 0.15 27.98
C ASP A 158 6.25 0.47 28.93
N PHE A 159 7.30 -0.34 28.89
CA PHE A 159 8.51 -0.17 29.72
C PHE A 159 9.12 1.20 29.43
N TYR A 160 9.24 1.65 28.17
CA TYR A 160 9.93 2.92 27.83
C TYR A 160 9.19 4.06 28.52
N THR A 161 7.87 4.08 28.36
CA THR A 161 6.97 5.08 29.00
C THR A 161 7.30 5.13 30.50
N ILE A 162 7.18 4.00 31.19
CA ILE A 162 7.38 3.93 32.65
C ILE A 162 8.80 4.45 33.01
N HIS A 163 9.83 3.98 32.32
CA HIS A 163 11.24 4.40 32.56
C HIS A 163 11.38 5.92 32.45
N ASN A 164 10.63 6.59 31.57
CA ASN A 164 10.78 8.07 31.37
C ASN A 164 10.42 8.84 32.64
N TYR A 165 9.43 8.35 33.40
CA TYR A 165 8.88 9.00 34.61
C TYR A 165 9.58 8.43 35.84
N PHE A 166 10.15 7.24 35.78
CA PHE A 166 10.77 6.55 36.94
C PHE A 166 12.01 5.76 36.53
N PRO A 167 13.06 6.46 36.05
CA PRO A 167 14.24 5.79 35.50
C PRO A 167 15.03 4.92 36.49
N PHE A 168 14.61 4.86 37.76
CA PHE A 168 15.24 3.99 38.79
C PHE A 168 14.71 2.54 38.73
N ILE A 169 13.81 2.17 37.81
CA ILE A 169 13.46 0.72 37.56
C ILE A 169 14.73 0.03 37.09
N LEU A 170 15.56 0.70 36.27
CA LEU A 170 16.82 0.15 35.71
C LEU A 170 17.90 -0.01 36.80
N ASP A 171 17.79 0.67 37.94
CA ASP A 171 18.89 0.73 38.95
C ASP A 171 19.00 -0.60 39.72
N ARG A 172 17.92 -1.38 39.89
CA ARG A 172 17.90 -2.60 40.74
C ARG A 172 18.49 -2.28 42.12
N ASN A 173 17.98 -1.21 42.69
CA ASN A 173 18.34 -0.65 44.01
C ASN A 173 17.30 -1.10 45.04
N ILE A 174 17.71 -1.87 46.06
CA ILE A 174 16.79 -2.47 47.09
C ILE A 174 15.92 -1.36 47.70
N ASN A 175 16.49 -0.15 47.79
CA ASN A 175 15.87 1.10 48.31
C ASN A 175 14.94 1.81 47.29
N LYS A 176 15.21 1.74 45.98
CA LYS A 176 14.31 2.33 44.96
C LYS A 176 13.46 1.24 44.27
N LYS A 177 12.26 1.01 44.83
CA LYS A 177 11.25 0.05 44.35
C LYS A 177 10.08 0.83 43.70
N LEU A 178 9.56 0.30 42.58
CA LEU A 178 8.40 0.84 41.84
C LEU A 178 7.17 -0.04 42.12
N ASN A 179 6.01 0.57 42.34
CA ASN A 179 4.74 -0.16 42.60
C ASN A 179 3.79 0.18 41.47
N ILE A 180 3.07 -0.81 40.95
CA ILE A 180 2.20 -0.68 39.78
C ILE A 180 0.89 -1.41 40.06
N ALA A 181 -0.24 -0.80 39.72
CA ALA A 181 -1.57 -1.44 39.78
C ALA A 181 -1.96 -1.82 38.35
N PHE A 182 -2.23 -3.10 38.09
CA PHE A 182 -2.87 -3.55 36.83
C PHE A 182 -4.36 -3.73 37.15
N VAL A 183 -5.22 -3.11 36.35
CA VAL A 183 -6.68 -3.00 36.64
C VAL A 183 -7.48 -3.53 35.45
N GLY A 184 -8.52 -4.33 35.72
CA GLY A 184 -9.52 -4.74 34.73
C GLY A 184 -9.51 -6.24 34.50
N ASP A 185 -9.22 -6.68 33.28
CA ASP A 185 -9.33 -8.11 32.88
C ASP A 185 -7.92 -8.69 32.81
N LEU A 186 -7.47 -9.27 33.91
CA LEU A 186 -6.07 -9.72 34.08
C LEU A 186 -5.93 -11.16 33.56
N LYS A 187 -7.05 -11.89 33.46
CA LYS A 187 -7.11 -13.26 32.92
C LYS A 187 -6.69 -13.24 31.45
N ASN A 188 -7.39 -12.45 30.62
CA ASN A 188 -7.22 -12.45 29.14
C ASN A 188 -6.21 -11.40 28.67
N GLY A 189 -5.99 -10.30 29.42
CA GLY A 189 -5.15 -9.16 29.03
C GLY A 189 -3.69 -9.54 28.87
N ARG A 190 -3.31 -10.08 27.71
CA ARG A 190 -1.97 -10.74 27.54
C ARG A 190 -0.91 -9.65 27.49
N THR A 191 -1.38 -8.41 27.47
CA THR A 191 -0.57 -7.17 27.54
C THR A 191 -0.01 -7.02 28.96
N VAL A 192 -0.82 -7.36 29.96
CA VAL A 192 -0.45 -7.44 31.41
C VAL A 192 0.59 -8.54 31.62
N HIS A 193 0.34 -9.72 31.07
CA HIS A 193 1.22 -10.91 31.23
C HIS A 193 2.59 -10.54 30.70
N SER A 194 2.67 -9.98 29.50
CA SER A 194 3.96 -9.69 28.83
C SER A 194 4.75 -8.65 29.64
N LEU A 195 4.09 -7.61 30.15
CA LEU A 195 4.77 -6.51 30.89
C LEU A 195 5.22 -6.97 32.28
N SER A 196 4.33 -7.67 33.00
CA SER A 196 4.59 -8.33 34.30
C SER A 196 5.92 -9.06 34.21
N LYS A 197 6.03 -9.95 33.22
CA LYS A 197 7.23 -10.74 32.90
C LYS A 197 8.43 -9.79 32.85
N LEU A 198 8.34 -8.66 32.15
CA LEU A 198 9.49 -7.74 31.96
C LEU A 198 9.76 -6.96 33.26
N LEU A 199 8.72 -6.39 33.86
CA LEU A 199 8.83 -5.57 35.08
C LEU A 199 9.53 -6.37 36.21
N SER A 200 9.12 -7.62 36.43
CA SER A 200 9.57 -8.47 37.58
C SER A 200 11.08 -8.75 37.53
N ARG A 201 11.75 -8.47 36.42
CA ARG A 201 13.23 -8.54 36.26
C ARG A 201 13.88 -7.43 37.11
N TYR A 202 13.06 -6.50 37.63
CA TYR A 202 13.51 -5.25 38.28
C TYR A 202 12.86 -5.16 39.68
N ASN A 203 13.13 -4.10 40.42
CA ASN A 203 12.68 -3.99 41.84
C ASN A 203 11.28 -3.41 41.79
N VAL A 204 10.28 -4.27 41.58
CA VAL A 204 8.87 -3.83 41.34
C VAL A 204 7.94 -4.59 42.26
N SER A 205 6.86 -3.93 42.69
CA SER A 205 5.73 -4.52 43.46
C SER A 205 4.44 -4.40 42.65
N PHE A 206 3.54 -5.40 42.74
CA PHE A 206 2.35 -5.55 41.87
C PHE A 206 1.07 -5.56 42.70
N ASN A 207 0.06 -4.81 42.26
CA ASN A 207 -1.30 -4.78 42.84
C ASN A 207 -2.30 -5.18 41.75
N PHE A 208 -2.79 -6.42 41.76
CA PHE A 208 -3.73 -6.94 40.74
C PHE A 208 -5.16 -6.66 41.21
N VAL A 209 -5.82 -5.74 40.51
CA VAL A 209 -7.21 -5.27 40.78
C VAL A 209 -8.12 -5.87 39.72
N SER A 210 -9.09 -6.69 40.11
CA SER A 210 -9.99 -7.38 39.14
C SER A 210 -11.30 -7.80 39.79
N CYS A 211 -12.24 -8.24 38.97
CA CYS A 211 -13.38 -9.09 39.37
C CYS A 211 -12.87 -10.54 39.42
N LYS A 212 -13.49 -11.39 40.24
CA LYS A 212 -12.95 -12.70 40.72
C LYS A 212 -12.57 -13.58 39.53
N SER A 213 -13.49 -13.81 38.59
CA SER A 213 -13.23 -14.76 37.46
C SER A 213 -12.41 -14.09 36.35
N LEU A 214 -11.86 -12.87 36.58
CA LEU A 214 -10.82 -12.30 35.70
C LEU A 214 -9.50 -12.05 36.45
N ASN A 215 -9.21 -12.77 37.56
CA ASN A 215 -7.92 -12.67 38.31
C ASN A 215 -6.75 -13.00 37.38
N ILE A 216 -5.56 -12.56 37.75
CA ILE A 216 -4.32 -12.89 37.00
C ILE A 216 -4.12 -14.41 37.04
N PRO A 217 -3.69 -15.09 35.94
CA PRO A 217 -3.45 -16.53 36.00
C PRO A 217 -2.27 -16.86 36.94
N LYS A 218 -2.28 -18.06 37.53
CA LYS A 218 -1.25 -18.49 38.53
C LYS A 218 0.11 -18.61 37.83
N ASP A 219 0.12 -19.08 36.58
CA ASP A 219 1.34 -19.26 35.74
C ASP A 219 2.15 -17.96 35.77
N ILE A 220 1.45 -16.82 35.73
CA ILE A 220 2.03 -15.44 35.65
C ILE A 220 2.56 -15.04 37.02
N VAL A 221 1.75 -15.18 38.06
CA VAL A 221 2.22 -14.93 39.45
C VAL A 221 3.54 -15.69 39.68
N ASN A 222 3.66 -16.93 39.20
CA ASN A 222 4.85 -17.80 39.38
C ASN A 222 6.10 -17.24 38.65
N THR A 223 5.92 -16.63 37.47
CA THR A 223 7.01 -16.05 36.64
C THR A 223 7.53 -14.79 37.36
N ILE A 224 6.60 -13.96 37.85
CA ILE A 224 6.91 -12.73 38.65
C ILE A 224 7.73 -13.16 39.87
N THR A 225 7.19 -14.13 40.61
CA THR A 225 7.75 -14.63 41.88
C THR A 225 9.15 -15.16 41.60
N TYR A 226 9.31 -15.95 40.54
CA TYR A 226 10.62 -16.54 40.16
C TYR A 226 11.61 -15.39 39.88
N ASN A 227 11.20 -14.37 39.12
CA ASN A 227 12.11 -13.33 38.58
C ASN A 227 12.53 -12.34 39.69
N LEU A 228 11.62 -12.11 40.65
CA LEU A 228 11.86 -11.23 41.83
C LEU A 228 12.85 -11.93 42.76
N LYS A 229 12.65 -13.22 43.02
CA LYS A 229 13.60 -14.09 43.77
C LYS A 229 14.96 -14.03 43.08
N LYS A 230 15.07 -14.29 41.79
CA LYS A 230 16.39 -14.30 41.11
C LYS A 230 17.18 -13.02 41.44
N ASN A 231 16.54 -11.85 41.61
CA ASN A 231 17.22 -10.55 41.88
C ASN A 231 17.17 -10.13 43.37
N ASN A 232 16.67 -10.99 44.25
CA ASN A 232 16.60 -10.81 45.72
C ASN A 232 15.70 -9.63 46.07
N PHE A 233 14.55 -9.54 45.40
CA PHE A 233 13.55 -8.46 45.57
C PHE A 233 12.22 -9.07 46.01
N TYR A 234 12.10 -10.38 46.14
CA TYR A 234 10.79 -11.00 46.47
C TYR A 234 10.55 -10.81 47.96
N SER A 235 9.29 -10.49 48.32
CA SER A 235 8.77 -10.52 49.70
C SER A 235 7.26 -10.78 49.69
N ASP A 236 6.59 -10.68 50.83
CA ASP A 236 5.13 -10.93 50.90
C ASP A 236 4.39 -9.62 50.69
N ASP A 237 5.09 -8.51 50.47
CA ASP A 237 4.52 -7.25 49.92
C ASP A 237 4.90 -7.06 48.43
N SER A 238 5.41 -8.13 47.77
CA SER A 238 5.76 -8.10 46.33
C SER A 238 4.47 -8.07 45.51
N ILE A 239 3.47 -8.87 45.88
CA ILE A 239 2.19 -9.06 45.12
C ILE A 239 1.03 -8.90 46.10
N LYS A 240 -0.01 -8.17 45.71
CA LYS A 240 -1.24 -7.93 46.52
C LYS A 240 -2.46 -7.91 45.58
N TYR A 241 -3.63 -8.37 46.01
CA TYR A 241 -4.84 -8.58 45.19
C TYR A 241 -6.01 -7.78 45.76
N PHE A 242 -6.61 -6.89 44.98
CA PHE A 242 -7.80 -6.09 45.36
C PHE A 242 -8.95 -6.38 44.38
N ASP A 243 -10.18 -6.21 44.83
CA ASP A 243 -11.40 -6.26 43.97
C ASP A 243 -11.99 -4.84 43.89
N ASN A 244 -11.21 -3.81 44.22
CA ASN A 244 -11.69 -2.40 44.24
C ASN A 244 -10.53 -1.38 44.12
N LEU A 245 -10.83 -0.21 43.55
CA LEU A 245 -9.86 0.81 43.12
C LEU A 245 -9.30 1.54 44.34
N GLU A 246 -10.16 1.77 45.33
CA GLU A 246 -9.88 2.63 46.50
C GLU A 246 -8.58 2.10 47.11
N GLU A 247 -8.60 0.83 47.52
CA GLU A 247 -7.44 0.09 48.08
C GLU A 247 -6.35 -0.07 47.01
N GLY A 248 -6.71 -0.61 45.83
CA GLY A 248 -5.79 -1.05 44.77
C GLY A 248 -4.87 0.03 44.23
N LEU A 249 -5.36 1.27 44.16
CA LEU A 249 -4.65 2.44 43.57
C LEU A 249 -3.81 3.16 44.63
N GLU A 250 -3.71 2.59 45.84
CA GLU A 250 -2.91 3.11 46.99
C GLU A 250 -1.62 3.72 46.46
N ASP A 251 -0.48 3.33 47.01
CA ASP A 251 0.76 4.12 46.88
C ASP A 251 1.48 3.55 45.65
N VAL A 252 0.93 3.77 44.47
CA VAL A 252 1.44 3.17 43.19
C VAL A 252 1.94 4.29 42.27
N HIS A 253 3.15 4.12 41.75
CA HIS A 253 3.80 5.03 40.77
C HIS A 253 3.11 4.91 39.40
N ILE A 254 2.59 3.74 39.03
CA ILE A 254 1.93 3.48 37.71
C ILE A 254 0.58 2.83 37.92
N ILE A 255 -0.43 3.33 37.21
CA ILE A 255 -1.72 2.61 37.04
C ILE A 255 -1.79 2.21 35.58
N TYR A 256 -1.84 0.91 35.28
CA TYR A 256 -2.00 0.35 33.92
C TYR A 256 -3.40 -0.26 33.81
N MET A 257 -4.28 0.36 33.01
CA MET A 257 -5.69 -0.10 32.79
C MET A 257 -5.75 -1.00 31.54
N THR A 258 -6.50 -2.09 31.60
CA THR A 258 -6.54 -3.07 30.48
C THR A 258 -7.74 -2.77 29.61
N ARG A 259 -7.70 -3.29 28.38
CA ARG A 259 -8.89 -3.43 27.52
C ARG A 259 -9.80 -4.52 28.12
N ILE A 260 -11.11 -4.39 27.90
CA ILE A 260 -12.13 -5.45 28.14
C ILE A 260 -12.75 -5.82 26.78
N GLN A 261 -12.41 -6.97 26.20
CA GLN A 261 -12.94 -7.37 24.87
C GLN A 261 -14.20 -8.23 25.06
N LYS A 262 -15.36 -7.74 24.61
CA LYS A 262 -16.65 -8.41 24.92
C LYS A 262 -16.70 -9.80 24.24
N GLU A 263 -15.91 -10.10 23.21
CA GLU A 263 -15.67 -11.52 22.78
C GLU A 263 -14.74 -12.22 23.80
N ARG A 264 -15.30 -12.57 24.97
CA ARG A 264 -14.62 -13.18 26.16
C ARG A 264 -14.87 -12.32 27.42
N ASN A 276 -18.67 -0.66 33.51
CA ASN A 276 -17.86 -1.81 34.01
C ASN A 276 -17.50 -1.65 35.50
N ALA A 277 -16.70 -2.60 35.99
CA ALA A 277 -16.31 -2.73 37.41
C ALA A 277 -15.33 -1.62 37.79
N PHE A 278 -14.43 -1.21 36.89
CA PHE A 278 -13.34 -0.26 37.20
C PHE A 278 -13.23 0.81 36.11
N ILE A 279 -14.02 1.86 36.25
CA ILE A 279 -13.90 3.13 35.47
C ILE A 279 -13.00 4.08 36.26
N LEU A 280 -11.84 4.42 35.72
CA LEU A 280 -10.97 5.53 36.20
C LEU A 280 -11.71 6.85 35.99
N SER A 281 -11.84 7.69 37.02
CA SER A 281 -12.38 9.07 36.94
C SER A 281 -11.44 10.02 37.71
N ASN A 282 -11.63 11.35 37.59
CA ASN A 282 -10.87 12.34 38.41
C ASN A 282 -11.13 12.09 39.90
N LYS A 283 -12.36 11.69 40.26
CA LYS A 283 -12.77 11.35 41.66
C LYS A 283 -11.86 10.22 42.17
N THR A 284 -11.79 9.10 41.44
CA THR A 284 -11.06 7.86 41.86
C THR A 284 -9.53 8.05 41.78
N LEU A 285 -9.01 9.22 41.40
CA LEU A 285 -7.55 9.48 41.35
C LEU A 285 -7.16 10.51 42.40
N GLU A 286 -8.10 10.98 43.24
CA GLU A 286 -7.87 12.07 44.22
C GLU A 286 -6.82 11.63 45.28
N ASN A 287 -6.80 10.34 45.67
CA ASN A 287 -5.91 9.81 46.74
C ASN A 287 -4.94 8.79 46.14
N THR A 288 -4.17 9.27 45.18
CA THR A 288 -3.03 8.56 44.58
C THR A 288 -1.83 9.45 44.82
N ARG A 289 -0.62 8.95 44.57
CA ARG A 289 0.61 9.75 44.73
C ARG A 289 0.53 10.96 43.81
N ASP A 290 1.35 11.98 44.07
CA ASP A 290 1.37 13.15 43.17
C ASP A 290 2.01 12.72 41.86
N ASP A 291 2.91 11.73 41.87
CA ASP A 291 3.78 11.40 40.71
C ASP A 291 3.18 10.25 39.88
N THR A 292 2.10 9.61 40.34
CA THR A 292 1.41 8.53 39.60
C THR A 292 1.14 8.96 38.14
N LYS A 293 1.28 7.99 37.24
CA LYS A 293 1.08 8.13 35.79
C LYS A 293 0.20 6.97 35.29
N ILE A 294 -0.78 7.29 34.45
CA ILE A 294 -1.80 6.33 33.95
C ILE A 294 -1.43 5.89 32.54
N LEU A 295 -1.30 4.59 32.33
CA LEU A 295 -1.05 3.91 31.03
C LEU A 295 -2.30 3.11 30.65
N HIS A 296 -2.41 2.84 29.37
CA HIS A 296 -3.48 2.03 28.76
C HIS A 296 -3.02 1.74 27.34
N PRO A 297 -3.00 0.45 26.92
CA PRO A 297 -2.52 0.09 25.59
C PRO A 297 -3.43 0.59 24.48
N LEU A 298 -4.67 0.95 24.82
CA LEU A 298 -5.69 1.54 23.90
C LEU A 298 -6.07 0.51 22.83
N PRO A 299 -7.30 0.55 22.25
CA PRO A 299 -8.28 1.59 22.52
C PRO A 299 -8.94 1.43 23.90
N ARG A 300 -9.48 2.52 24.42
CA ARG A 300 -10.35 2.52 25.63
C ARG A 300 -11.82 2.45 25.17
N VAL A 301 -12.75 2.19 26.08
CA VAL A 301 -14.19 2.48 25.89
C VAL A 301 -14.63 3.35 27.08
N ASN A 302 -14.93 2.78 28.26
CA ASN A 302 -15.40 3.51 29.48
C ASN A 302 -14.32 3.47 30.56
N GLU A 303 -13.41 2.49 30.48
CA GLU A 303 -12.31 2.26 31.44
C GLU A 303 -11.76 3.58 31.98
N ILE A 304 -11.58 4.59 31.12
CA ILE A 304 -11.00 5.92 31.48
C ILE A 304 -11.87 7.00 30.84
N LYS A 305 -12.44 7.86 31.70
CA LYS A 305 -13.35 8.95 31.30
C LYS A 305 -12.51 10.05 30.62
N VAL A 306 -13.06 10.63 29.55
CA VAL A 306 -12.40 11.72 28.79
C VAL A 306 -11.94 12.81 29.77
N GLU A 307 -12.70 13.08 30.84
CA GLU A 307 -12.30 14.05 31.90
C GLU A 307 -10.85 13.80 32.33
N VAL A 308 -10.35 12.56 32.25
CA VAL A 308 -9.03 12.19 32.85
C VAL A 308 -7.89 12.61 31.90
N ASP A 309 -8.19 12.70 30.60
CA ASP A 309 -7.23 13.13 29.55
C ASP A 309 -6.61 14.48 29.94
N SER A 310 -7.37 15.33 30.62
CA SER A 310 -7.03 16.72 30.97
C SER A 310 -6.17 16.71 32.22
N ASN A 311 -6.27 15.62 32.98
CA ASN A 311 -5.52 15.39 34.25
C ASN A 311 -4.06 15.08 33.94
N PRO A 312 -3.09 15.91 34.41
CA PRO A 312 -1.67 15.74 34.08
C PRO A 312 -1.05 14.36 34.43
N LYS A 313 -1.72 13.52 35.21
CA LYS A 313 -1.28 12.13 35.49
C LYS A 313 -1.40 11.24 34.24
N SER A 314 -2.39 11.48 33.37
CA SER A 314 -2.67 10.64 32.18
C SER A 314 -1.51 10.75 31.17
N VAL A 315 -0.99 9.61 30.69
CA VAL A 315 0.10 9.58 29.67
C VAL A 315 -0.18 8.50 28.61
N TYR A 316 -1.38 7.93 28.53
CA TYR A 316 -1.73 6.81 27.60
C TYR A 316 -1.55 7.25 26.16
N PHE A 317 -1.64 8.55 25.86
CA PHE A 317 -1.49 9.06 24.48
C PHE A 317 0.00 9.23 24.17
N THR A 318 0.82 9.67 25.13
CA THR A 318 2.30 9.67 24.95
C THR A 318 2.80 8.23 24.76
N GLN A 319 2.22 7.30 25.52
CA GLN A 319 2.54 5.86 25.48
C GLN A 319 2.41 5.38 24.04
N ALA A 320 1.27 5.63 23.43
CA ALA A 320 0.95 5.20 22.03
C ALA A 320 1.95 5.85 21.07
N GLU A 321 2.22 7.13 21.27
CA GLU A 321 3.21 7.93 20.51
C GLU A 321 4.58 7.26 20.62
N ASN A 322 4.94 6.71 21.77
CA ASN A 322 6.31 6.19 22.02
C ASN A 322 6.54 4.91 21.23
N GLY A 323 5.46 4.27 20.78
CA GLY A 323 5.52 3.08 19.90
C GLY A 323 6.33 3.37 18.66
N LEU A 324 6.20 4.56 18.11
CA LEU A 324 6.97 4.94 16.89
C LEU A 324 8.47 4.90 17.24
N TYR A 325 8.87 5.42 18.42
CA TYR A 325 10.32 5.66 18.75
C TYR A 325 11.00 4.32 19.05
N VAL A 326 10.27 3.47 19.74
CA VAL A 326 10.71 2.11 20.13
C VAL A 326 10.79 1.20 18.89
N ARG A 327 9.79 1.23 17.99
CA ARG A 327 9.77 0.39 16.77
C ARG A 327 10.88 0.89 15.84
N MET A 328 11.15 2.19 15.77
CA MET A 328 12.28 2.67 14.94
C MET A 328 13.60 2.14 15.54
N ALA A 329 13.72 2.20 16.86
CA ALA A 329 14.97 1.83 17.57
C ALA A 329 15.24 0.34 17.31
N LEU A 330 14.20 -0.46 17.44
CA LEU A 330 14.29 -1.91 17.28
C LEU A 330 14.69 -2.22 15.83
N LEU A 331 14.05 -1.61 14.82
CA LEU A 331 14.41 -1.81 13.40
C LEU A 331 15.90 -1.45 13.18
N TYR A 332 16.31 -0.30 13.70
CA TYR A 332 17.68 0.25 13.55
C TYR A 332 18.70 -0.73 14.17
N LEU A 333 18.40 -1.26 15.35
CA LEU A 333 19.36 -2.10 16.11
C LEU A 333 19.52 -3.45 15.42
N ILE A 334 18.46 -3.93 14.79
CA ILE A 334 18.47 -5.28 14.14
C ILE A 334 19.03 -5.22 12.71
N PHE A 335 18.69 -4.21 11.92
CA PHE A 335 18.79 -4.23 10.44
C PHE A 335 19.93 -3.34 9.95
N SER A 336 20.51 -2.46 10.76
CA SER A 336 21.76 -1.76 10.42
C SER A 336 22.80 -2.80 10.02
N SER A 337 23.63 -2.47 9.04
CA SER A 337 24.65 -3.39 8.47
C SER A 337 25.97 -2.61 8.36
N THR A 338 26.10 -1.49 9.11
CA THR A 338 27.01 -0.37 8.79
C THR A 338 27.64 0.17 10.08
N SER A 343 28.29 8.64 13.53
CA SER A 343 27.12 8.31 12.68
C SER A 343 26.00 7.55 13.44
N HIS A 344 26.04 7.46 14.78
CA HIS A 344 24.92 6.88 15.57
C HIS A 344 23.86 7.97 15.84
N PRO A 345 22.65 7.59 16.35
CA PRO A 345 21.49 8.48 16.28
C PRO A 345 21.65 9.48 17.44
N GLN A 346 21.77 10.78 17.12
CA GLN A 346 22.45 11.81 17.96
C GLN A 346 21.57 13.04 18.24
N PHE A 347 21.75 13.68 19.41
CA PHE A 347 21.14 15.00 19.76
C PHE A 347 21.87 15.65 20.95
N ASP B 11 2.20 36.84 -4.65
CA ASP B 11 3.36 36.89 -3.70
C ASP B 11 3.45 35.52 -3.01
N LEU B 12 3.86 34.48 -3.75
CA LEU B 12 3.71 33.06 -3.32
C LEU B 12 4.35 32.90 -1.94
N ASP B 13 5.33 33.75 -1.59
CA ASP B 13 6.07 33.62 -0.33
C ASP B 13 5.18 34.00 0.84
N LYS B 14 4.53 35.16 0.78
CA LYS B 14 3.55 35.60 1.81
C LYS B 14 2.50 34.50 1.95
N ILE B 15 1.89 34.08 0.83
CA ILE B 15 0.73 33.12 0.78
C ILE B 15 1.16 31.74 1.25
N MET B 16 2.32 31.23 0.86
CA MET B 16 2.82 29.90 1.32
C MET B 16 2.96 29.89 2.86
N THR B 17 3.56 30.91 3.47
CA THR B 17 3.69 31.03 4.96
C THR B 17 2.30 30.88 5.60
N LYS B 18 1.28 31.52 5.02
CA LYS B 18 -0.12 31.55 5.53
C LYS B 18 -0.76 30.17 5.37
N MET B 19 -0.43 29.42 4.32
CA MET B 19 -1.05 28.12 3.96
C MET B 19 -0.39 26.97 4.70
N LYS B 20 0.83 27.18 5.22
CA LYS B 20 1.63 26.13 5.92
C LYS B 20 0.82 25.58 7.09
N ASN B 21 0.62 24.27 7.12
CA ASN B 21 -0.15 23.54 8.16
C ASN B 21 -1.67 23.82 8.07
N LYS B 22 -2.16 24.31 6.94
CA LYS B 22 -3.63 24.56 6.73
C LYS B 22 -4.35 23.23 6.50
N SER B 23 -5.48 23.00 7.17
CA SER B 23 -6.39 21.88 6.80
C SER B 23 -7.32 22.37 5.68
N VAL B 24 -7.49 21.57 4.64
CA VAL B 24 -8.45 21.93 3.56
C VAL B 24 -9.62 20.94 3.59
N ILE B 25 -10.79 21.41 4.03
CA ILE B 25 -11.96 20.55 4.29
C ILE B 25 -13.06 20.92 3.31
N ASN B 26 -13.35 22.22 3.17
CA ASN B 26 -14.35 22.71 2.20
C ASN B 26 -13.70 23.75 1.31
N ILE B 27 -14.26 23.99 0.15
CA ILE B 27 -13.79 25.00 -0.83
C ILE B 27 -13.86 26.41 -0.22
N ASP B 28 -14.72 26.66 0.77
CA ASP B 28 -14.77 27.99 1.44
C ASP B 28 -13.60 28.19 2.42
N ASP B 29 -12.79 27.16 2.68
CA ASP B 29 -11.51 27.29 3.43
C ASP B 29 -10.46 27.93 2.53
N VAL B 30 -10.75 28.06 1.23
CA VAL B 30 -9.75 28.55 0.24
C VAL B 30 -10.18 29.95 -0.20
N ASP B 31 -9.33 30.96 0.03
CA ASP B 31 -9.64 32.36 -0.25
C ASP B 31 -9.03 32.75 -1.61
N ASP B 32 -9.31 33.97 -2.02
CA ASP B 32 -8.79 34.60 -3.26
C ASP B 32 -7.31 34.30 -3.37
N GLU B 33 -6.50 34.84 -2.47
CA GLU B 33 -5.02 34.77 -2.56
C GLU B 33 -4.59 33.30 -2.64
N GLU B 34 -5.19 32.43 -1.83
CA GLU B 34 -4.81 30.99 -1.74
C GLU B 34 -5.12 30.28 -3.06
N LEU B 35 -6.31 30.49 -3.61
CA LEU B 35 -6.69 29.97 -4.96
C LEU B 35 -5.64 30.35 -6.00
N LEU B 36 -5.09 31.57 -5.93
CA LEU B 36 -4.10 32.07 -6.91
C LEU B 36 -2.81 31.27 -6.72
N ALA B 37 -2.39 31.03 -5.48
CA ALA B 37 -1.16 30.24 -5.21
C ALA B 37 -1.35 28.82 -5.75
N ILE B 38 -2.53 28.26 -5.54
CA ILE B 38 -2.79 26.87 -5.92
C ILE B 38 -2.70 26.81 -7.44
N LEU B 39 -3.30 27.77 -8.14
CA LEU B 39 -3.38 27.75 -9.62
C LEU B 39 -2.00 28.00 -10.21
N TYR B 40 -1.25 28.92 -9.64
CA TYR B 40 0.14 29.21 -10.06
C TYR B 40 1.05 28.01 -9.77
N THR B 41 0.93 27.35 -8.62
CA THR B 41 1.79 26.19 -8.27
C THR B 41 1.42 24.98 -9.13
N SER B 42 0.13 24.72 -9.33
CA SER B 42 -0.36 23.56 -10.12
C SER B 42 0.23 23.65 -11.54
N LYS B 43 0.35 24.87 -12.07
CA LYS B 43 0.85 25.11 -13.44
C LYS B 43 2.34 24.79 -13.47
N GLN B 44 3.05 25.12 -12.40
CA GLN B 44 4.51 24.85 -12.33
C GLN B 44 4.71 23.33 -12.35
N PHE B 45 3.86 22.56 -11.70
CA PHE B 45 3.97 21.08 -11.67
C PHE B 45 3.55 20.50 -13.00
N GLU B 46 2.56 21.07 -13.69
CA GLU B 46 2.19 20.68 -15.09
C GLU B 46 3.43 20.74 -15.98
N LYS B 47 4.18 21.84 -15.92
CA LYS B 47 5.33 22.06 -16.84
C LYS B 47 6.45 21.12 -16.41
N ILE B 48 6.72 21.01 -15.11
CA ILE B 48 7.84 20.18 -14.56
C ILE B 48 7.66 18.75 -15.06
N LEU B 49 6.46 18.20 -14.86
CA LEU B 49 6.14 16.81 -15.26
C LEU B 49 6.16 16.68 -16.78
N LYS B 50 5.54 17.59 -17.52
CA LYS B 50 5.47 17.52 -19.00
C LYS B 50 6.87 17.59 -19.62
N ASN B 51 7.86 18.19 -18.93
CA ASN B 51 9.23 18.39 -19.46
C ASN B 51 10.18 17.40 -18.81
N ASN B 52 9.63 16.35 -18.19
CA ASN B 52 10.41 15.24 -17.59
C ASN B 52 11.47 15.77 -16.62
N GLU B 53 11.20 16.81 -15.84
CA GLU B 53 12.14 17.30 -14.81
C GLU B 53 11.87 16.61 -13.47
N ASP B 54 12.86 16.67 -12.58
CA ASP B 54 12.76 16.29 -11.16
C ASP B 54 11.59 17.04 -10.55
N SER B 55 10.81 16.33 -9.75
CA SER B 55 9.55 16.86 -9.14
C SER B 55 9.59 16.65 -7.64
N LYS B 56 10.73 16.25 -7.09
CA LYS B 56 10.86 15.85 -5.67
C LYS B 56 11.03 17.12 -4.80
N TYR B 57 10.01 17.96 -4.76
CA TYR B 57 9.98 19.28 -4.07
C TYR B 57 9.47 19.11 -2.64
N LEU B 58 9.21 17.88 -2.18
CA LEU B 58 8.64 17.61 -0.84
C LEU B 58 9.03 16.20 -0.39
N GLU B 59 10.29 16.00 -0.04
CA GLU B 59 10.88 14.71 0.37
C GLU B 59 10.87 14.63 1.89
N ASN B 60 11.03 13.42 2.44
CA ASN B 60 11.13 13.22 3.90
C ASN B 60 9.82 13.48 4.64
N LYS B 61 8.69 13.55 3.95
CA LYS B 61 7.36 13.57 4.59
C LYS B 61 6.80 12.15 4.54
N VAL B 62 6.03 11.79 5.55
CA VAL B 62 5.34 10.47 5.65
C VAL B 62 3.87 10.75 5.93
N PHE B 63 3.01 10.38 5.03
CA PHE B 63 1.55 10.69 5.09
C PHE B 63 0.81 9.39 5.33
N CYS B 64 -0.36 9.51 5.92
CA CYS B 64 -1.38 8.44 5.96
C CYS B 64 -2.52 8.87 5.04
N SER B 65 -2.86 7.99 4.10
CA SER B 65 -4.06 8.05 3.22
C SER B 65 -5.08 7.12 3.86
N VAL B 66 -6.20 7.66 4.34
CA VAL B 66 -7.33 6.89 4.94
C VAL B 66 -8.54 7.03 4.04
N PHE B 67 -8.90 5.96 3.36
CA PHE B 67 -10.02 5.85 2.39
C PHE B 67 -10.99 4.81 2.93
N LEU B 68 -12.02 5.26 3.62
CA LEU B 68 -13.03 4.38 4.25
C LEU B 68 -14.26 4.30 3.35
N GLU B 69 -14.16 4.60 2.05
CA GLU B 69 -15.08 4.05 1.03
C GLU B 69 -14.26 3.71 -0.19
N PRO B 70 -14.70 2.78 -1.07
CA PRO B 70 -14.05 2.55 -2.35
C PRO B 70 -14.09 3.89 -3.10
N SER B 71 -12.91 4.38 -3.45
CA SER B 71 -12.73 5.64 -4.20
C SER B 71 -11.34 5.63 -4.84
N THR B 72 -11.05 4.50 -5.46
CA THR B 72 -9.79 4.14 -6.12
C THR B 72 -9.23 5.28 -6.97
N ARG B 73 -9.96 5.91 -7.90
CA ARG B 73 -9.31 6.92 -8.78
C ARG B 73 -8.78 8.08 -7.94
N THR B 74 -9.48 8.52 -6.88
CA THR B 74 -9.11 9.75 -6.10
C THR B 74 -7.86 9.43 -5.24
N ARG B 75 -7.89 8.22 -4.69
CA ARG B 75 -6.87 7.69 -3.79
C ARG B 75 -5.58 7.51 -4.61
N CYS B 76 -5.65 6.89 -5.78
CA CYS B 76 -4.49 6.74 -6.70
C CYS B 76 -3.96 8.11 -7.11
N SER B 77 -4.83 9.08 -7.27
CA SER B 77 -4.45 10.45 -7.65
C SER B 77 -3.55 11.02 -6.55
N PHE B 78 -3.95 10.87 -5.29
CA PHE B 78 -3.29 11.46 -4.11
C PHE B 78 -1.97 10.69 -3.87
N ASP B 79 -2.00 9.36 -4.01
CA ASP B 79 -0.86 8.43 -3.82
C ASP B 79 0.23 8.86 -4.81
N ALA B 80 -0.13 9.02 -6.08
CA ALA B 80 0.79 9.47 -7.15
C ALA B 80 1.34 10.86 -6.80
N ALA B 81 0.52 11.78 -6.30
CA ALA B 81 0.97 13.17 -6.00
C ALA B 81 2.12 13.09 -4.96
N ILE B 82 1.87 12.35 -3.87
CA ILE B 82 2.73 12.21 -2.68
C ILE B 82 4.07 11.58 -3.09
N LEU B 83 3.99 10.55 -3.93
CA LEU B 83 5.16 9.76 -4.38
C LEU B 83 5.96 10.58 -5.40
N LYS B 84 5.29 11.27 -6.32
CA LYS B 84 6.00 12.12 -7.34
C LYS B 84 6.70 13.29 -6.62
N LEU B 85 6.18 13.76 -5.48
CA LEU B 85 6.83 14.86 -4.71
C LEU B 85 8.06 14.32 -3.95
N GLY B 86 8.24 12.99 -3.96
CA GLY B 86 9.35 12.32 -3.29
C GLY B 86 9.05 11.96 -1.85
N SER B 87 7.80 12.00 -1.40
CA SER B 87 7.43 11.58 -0.02
C SER B 87 6.90 10.15 -0.05
N LYS B 88 6.58 9.64 1.13
CA LYS B 88 6.14 8.24 1.38
C LYS B 88 4.74 8.25 1.99
N VAL B 89 4.04 7.12 1.99
CA VAL B 89 2.62 7.11 2.44
C VAL B 89 2.26 5.76 3.02
N LEU B 90 1.65 5.68 4.20
CA LEU B 90 0.96 4.43 4.57
C LEU B 90 -0.58 4.56 4.33
N ASN B 91 -1.16 3.54 3.70
CA ASN B 91 -2.54 3.48 3.15
C ASN B 91 -3.45 2.65 4.04
N ILE B 92 -4.63 3.19 4.33
CA ILE B 92 -5.84 2.45 4.77
C ILE B 92 -6.86 2.59 3.66
N THR B 93 -7.46 1.48 3.28
CA THR B 93 -8.08 1.23 1.95
C THR B 93 -9.01 0.06 2.12
N ASP B 94 -9.90 -0.23 1.15
CA ASP B 94 -10.80 -1.43 1.10
C ASP B 94 -11.39 -1.71 2.50
N MET B 95 -11.84 -0.63 3.17
CA MET B 95 -12.35 -0.63 4.56
C MET B 95 -13.50 0.37 4.61
N ASN B 96 -14.25 0.32 5.72
CA ASN B 96 -15.37 1.24 6.07
C ASN B 96 -15.18 1.71 7.51
N SER B 97 -15.79 2.86 7.82
CA SER B 97 -15.79 3.51 9.16
C SER B 97 -15.87 2.46 10.28
N THR B 98 -16.78 1.50 10.28
CA THR B 98 -16.98 0.69 11.53
C THR B 98 -15.82 -0.33 11.67
N SER B 99 -15.33 -0.93 10.58
CA SER B 99 -14.27 -1.98 10.56
C SER B 99 -12.88 -1.37 10.86
N PHE B 100 -12.62 -0.12 10.43
CA PHE B 100 -11.42 0.67 10.82
C PHE B 100 -11.48 1.00 12.31
N TYR B 101 -12.44 1.81 12.75
CA TYR B 101 -12.57 2.32 14.14
C TYR B 101 -12.85 1.19 15.13
N LYS B 102 -13.34 0.03 14.69
CA LYS B 102 -13.68 -1.11 15.58
C LYS B 102 -14.17 -0.56 16.94
N GLY B 103 -15.03 0.45 16.92
CA GLY B 103 -15.70 0.90 18.14
C GLY B 103 -14.95 2.00 18.85
N GLU B 104 -13.77 2.43 18.40
CA GLU B 104 -12.98 3.50 19.10
C GLU B 104 -13.50 4.85 18.60
N THR B 105 -13.55 5.87 19.47
CA THR B 105 -13.91 7.26 19.11
C THR B 105 -13.00 7.77 17.98
N VAL B 106 -13.57 8.51 17.02
CA VAL B 106 -12.80 9.10 15.91
C VAL B 106 -11.73 10.01 16.54
N GLU B 107 -12.07 10.67 17.64
CA GLU B 107 -11.17 11.66 18.32
C GLU B 107 -9.90 10.95 18.85
N ASP B 108 -10.05 9.82 19.56
CA ASP B 108 -8.86 9.06 20.04
C ASP B 108 -8.04 8.59 18.82
N ALA B 109 -8.67 8.00 17.81
CA ALA B 109 -7.98 7.37 16.67
C ALA B 109 -7.15 8.43 15.95
N PHE B 110 -7.65 9.64 15.76
CA PHE B 110 -6.92 10.71 15.04
C PHE B 110 -5.88 11.37 15.95
N LYS B 111 -6.16 11.50 17.25
CA LYS B 111 -5.15 12.02 18.20
C LYS B 111 -3.86 11.18 18.12
N ILE B 112 -4.00 9.86 18.04
CA ILE B 112 -2.88 8.88 18.00
C ILE B 112 -2.27 8.86 16.60
N LEU B 113 -3.11 8.75 15.57
CA LEU B 113 -2.62 8.56 14.17
C LEU B 113 -1.74 9.75 13.82
N SER B 114 -2.20 10.95 14.16
CA SER B 114 -1.52 12.22 13.82
C SER B 114 -0.17 12.38 14.56
N THR B 115 0.19 11.56 15.54
CA THR B 115 1.55 11.62 16.16
C THR B 115 2.58 10.84 15.33
N TYR B 116 2.16 9.91 14.46
CA TYR B 116 3.03 9.04 13.63
C TYR B 116 3.37 9.67 12.28
N VAL B 117 2.61 10.63 11.80
CA VAL B 117 2.71 11.09 10.38
C VAL B 117 2.66 12.61 10.31
N ASP B 118 2.98 13.18 9.16
CA ASP B 118 3.08 14.63 8.92
C ASP B 118 1.73 15.18 8.45
N GLY B 119 0.93 14.39 7.76
CA GLY B 119 -0.40 14.82 7.35
C GLY B 119 -1.23 13.62 6.97
N ILE B 120 -2.52 13.85 6.88
CA ILE B 120 -3.49 12.78 6.61
C ILE B 120 -4.41 13.25 5.47
N ILE B 121 -4.54 12.39 4.48
CA ILE B 121 -5.58 12.48 3.45
C ILE B 121 -6.71 11.58 3.91
N TYR B 122 -7.90 12.15 4.07
CA TYR B 122 -9.05 11.41 4.67
C TYR B 122 -10.25 11.47 3.73
N ARG B 123 -10.76 10.34 3.30
CA ARG B 123 -12.07 10.21 2.67
C ARG B 123 -12.96 9.32 3.52
N ASP B 124 -14.19 9.79 3.82
CA ASP B 124 -15.17 9.11 4.70
C ASP B 124 -16.56 9.61 4.30
N PRO B 125 -17.51 8.76 3.95
CA PRO B 125 -18.87 9.19 3.68
C PRO B 125 -19.49 10.03 4.80
N SER B 126 -19.20 9.73 6.06
CA SER B 126 -19.68 10.52 7.22
C SER B 126 -19.21 11.98 7.12
N LYS B 127 -20.17 12.90 7.01
CA LYS B 127 -20.03 14.34 7.36
C LYS B 127 -19.19 14.56 8.65
N LYS B 128 -19.76 14.15 9.80
CA LYS B 128 -19.24 14.41 11.17
C LYS B 128 -17.78 13.97 11.29
N ASN B 129 -17.46 12.75 10.87
CA ASN B 129 -16.16 12.09 11.12
C ASN B 129 -14.98 13.01 10.73
N VAL B 130 -15.03 13.62 9.56
CA VAL B 130 -13.95 14.50 9.08
C VAL B 130 -13.86 15.73 9.99
N ASP B 131 -14.98 16.31 10.41
CA ASP B 131 -14.95 17.53 11.27
C ASP B 131 -14.26 17.17 12.59
N ILE B 132 -14.51 15.97 13.11
CA ILE B 132 -13.96 15.52 14.40
C ILE B 132 -12.46 15.30 14.23
N ALA B 133 -12.09 14.56 13.18
CA ALA B 133 -10.70 14.26 12.78
C ALA B 133 -9.91 15.56 12.77
N VAL B 134 -10.47 16.67 12.26
CA VAL B 134 -9.74 17.96 12.23
C VAL B 134 -9.60 18.53 13.64
N SER B 135 -10.64 18.50 14.46
CA SER B 135 -10.55 18.93 15.88
C SER B 135 -9.41 18.20 16.60
N SER B 136 -9.28 16.89 16.38
CA SER B 136 -8.50 15.95 17.22
C SER B 136 -7.06 15.79 16.69
N SER B 137 -6.85 16.02 15.40
CA SER B 137 -5.56 15.74 14.74
C SER B 137 -4.59 16.85 15.08
N SER B 138 -3.38 16.52 15.48
CA SER B 138 -2.30 17.50 15.70
C SER B 138 -1.64 17.80 14.35
N LYS B 139 -2.12 17.19 13.27
CA LYS B 139 -1.51 17.33 11.92
C LYS B 139 -2.55 17.78 10.90
N PRO B 140 -2.13 18.43 9.82
CA PRO B 140 -3.04 18.89 8.80
C PRO B 140 -3.74 17.72 8.09
N ILE B 141 -5.00 17.91 7.74
CA ILE B 141 -5.85 16.94 7.02
C ILE B 141 -6.28 17.58 5.69
N ILE B 142 -6.15 16.86 4.59
CA ILE B 142 -6.87 17.19 3.33
C ILE B 142 -8.06 16.25 3.20
N ASN B 143 -9.26 16.83 3.18
CA ASN B 143 -10.52 16.13 2.85
C ASN B 143 -10.52 15.72 1.38
N ALA B 144 -10.63 14.43 1.14
CA ALA B 144 -10.57 13.80 -0.18
C ALA B 144 -11.99 13.45 -0.61
N GLY B 145 -12.99 13.96 0.12
CA GLY B 145 -14.41 13.70 -0.16
C GLY B 145 -15.14 13.15 1.07
N ASN B 146 -16.28 13.77 1.43
CA ASN B 146 -17.23 13.27 2.46
C ASN B 146 -18.69 13.41 1.96
N GLY B 147 -19.65 12.99 2.79
CA GLY B 147 -21.10 12.89 2.47
C GLY B 147 -21.77 14.22 2.16
N THR B 148 -21.38 15.30 2.88
CA THR B 148 -21.99 16.65 2.78
C THR B 148 -21.71 17.26 1.40
N GLY B 149 -20.88 16.58 0.58
CA GLY B 149 -20.55 17.02 -0.79
C GLY B 149 -19.24 17.77 -0.85
N GLU B 150 -18.62 18.08 0.30
CA GLU B 150 -17.30 18.77 0.33
C GLU B 150 -16.30 17.85 -0.39
N HIS B 151 -15.70 18.33 -1.48
CA HIS B 151 -14.60 17.64 -2.19
C HIS B 151 -13.71 18.71 -2.76
N PRO B 152 -12.95 19.45 -1.93
CA PRO B 152 -12.27 20.66 -2.40
C PRO B 152 -11.30 20.42 -3.57
N THR B 153 -10.62 19.30 -3.58
CA THR B 153 -9.62 18.98 -4.64
C THR B 153 -10.36 18.87 -5.98
N GLN B 154 -11.56 18.32 -6.00
CA GLN B 154 -12.35 18.26 -7.27
C GLN B 154 -12.74 19.67 -7.72
N SER B 155 -13.25 20.49 -6.81
CA SER B 155 -13.52 21.92 -7.08
C SER B 155 -12.24 22.57 -7.62
N LEU B 156 -11.09 22.39 -6.99
CA LEU B 156 -9.88 23.15 -7.41
C LEU B 156 -9.44 22.70 -8.80
N LEU B 157 -9.52 21.40 -9.14
CA LEU B 157 -9.04 20.87 -10.45
C LEU B 157 -10.08 21.20 -11.52
N ASP B 158 -11.38 21.22 -11.17
CA ASP B 158 -12.45 21.77 -12.07
C ASP B 158 -12.11 23.23 -12.42
N PHE B 159 -11.90 24.08 -11.43
CA PHE B 159 -11.53 25.50 -11.62
C PHE B 159 -10.22 25.59 -12.43
N TYR B 160 -9.19 24.79 -12.16
CA TYR B 160 -7.88 24.89 -12.84
C TYR B 160 -8.08 24.64 -14.33
N THR B 161 -8.77 23.55 -14.65
CA THR B 161 -9.17 23.20 -16.05
C THR B 161 -9.79 24.41 -16.72
N ILE B 162 -10.88 24.93 -16.16
CA ILE B 162 -11.62 26.07 -16.76
C ILE B 162 -10.67 27.25 -16.95
N HIS B 163 -9.91 27.63 -15.93
CA HIS B 163 -9.00 28.79 -15.97
C HIS B 163 -7.99 28.65 -17.13
N ASN B 164 -7.55 27.43 -17.46
CA ASN B 164 -6.52 27.24 -18.52
C ASN B 164 -7.05 27.68 -19.88
N TYR B 165 -8.35 27.51 -20.15
CA TYR B 165 -9.03 27.86 -21.43
C TYR B 165 -9.60 29.26 -21.36
N PHE B 166 -9.89 29.79 -20.17
CA PHE B 166 -10.59 31.10 -19.98
C PHE B 166 -10.07 31.81 -18.74
N PRO B 167 -8.79 32.23 -18.79
CA PRO B 167 -8.15 32.82 -17.62
C PRO B 167 -8.76 34.14 -17.12
N PHE B 168 -9.79 34.66 -17.79
CA PHE B 168 -10.46 35.92 -17.40
C PHE B 168 -11.56 35.68 -16.36
N ILE B 169 -11.83 34.43 -15.91
CA ILE B 169 -12.68 34.18 -14.69
C ILE B 169 -12.01 34.91 -13.51
N LEU B 170 -10.68 34.90 -13.42
CA LEU B 170 -9.90 35.50 -12.30
C LEU B 170 -9.95 37.02 -12.31
N ASP B 171 -10.26 37.64 -13.46
CA ASP B 171 -10.13 39.11 -13.64
C ASP B 171 -11.27 39.84 -12.88
N ARG B 172 -12.45 39.22 -12.68
CA ARG B 172 -13.65 39.90 -12.11
C ARG B 172 -13.88 41.22 -12.87
N ASN B 173 -13.87 41.11 -14.20
CA ASN B 173 -14.10 42.23 -15.14
C ASN B 173 -15.57 42.20 -15.60
N ILE B 174 -16.32 43.27 -15.32
CA ILE B 174 -17.80 43.39 -15.58
C ILE B 174 -18.11 43.02 -17.03
N ASN B 175 -17.16 43.32 -17.92
CA ASN B 175 -17.20 43.10 -19.39
C ASN B 175 -16.81 41.68 -19.77
N LYS B 176 -15.89 41.03 -19.06
CA LYS B 176 -15.52 39.62 -19.39
C LYS B 176 -16.16 38.65 -18.38
N LYS B 177 -17.30 38.11 -18.80
CA LYS B 177 -18.19 37.17 -18.08
C LYS B 177 -18.08 35.78 -18.71
N LEU B 178 -18.06 34.74 -17.89
CA LEU B 178 -18.03 33.33 -18.33
C LEU B 178 -19.41 32.71 -18.11
N ASN B 179 -19.88 31.92 -19.06
CA ASN B 179 -21.19 31.24 -18.99
C ASN B 179 -20.94 29.73 -19.00
N ILE B 180 -21.63 29.00 -18.13
CA ILE B 180 -21.39 27.55 -17.94
C ILE B 180 -22.74 26.86 -17.86
N ALA B 181 -22.88 25.75 -18.57
CA ALA B 181 -24.06 24.86 -18.47
C ALA B 181 -23.65 23.66 -17.63
N PHE B 182 -24.31 23.40 -16.50
CA PHE B 182 -24.19 22.12 -15.78
C PHE B 182 -25.40 21.27 -16.21
N VAL B 183 -25.15 20.04 -16.64
CA VAL B 183 -26.11 19.15 -17.32
C VAL B 183 -26.16 17.82 -16.59
N GLY B 184 -27.38 17.38 -16.33
CA GLY B 184 -27.65 16.04 -15.81
C GLY B 184 -28.32 16.10 -14.46
N ASP B 185 -27.69 15.50 -13.46
CA ASP B 185 -28.29 15.34 -12.11
C ASP B 185 -27.76 16.41 -11.18
N LEU B 186 -28.47 17.53 -11.09
CA LEU B 186 -28.00 18.73 -10.36
C LEU B 186 -28.45 18.63 -8.90
N LYS B 187 -29.43 17.77 -8.62
CA LYS B 187 -29.92 17.49 -7.25
C LYS B 187 -28.81 16.84 -6.43
N ASN B 188 -28.27 15.72 -6.89
CA ASN B 188 -27.33 14.84 -6.15
C ASN B 188 -25.86 15.06 -6.56
N GLY B 189 -25.60 15.71 -7.69
CA GLY B 189 -24.25 16.06 -8.16
C GLY B 189 -23.59 17.08 -7.25
N ARG B 190 -22.97 16.62 -6.17
CA ARG B 190 -22.45 17.50 -5.08
C ARG B 190 -21.20 18.18 -5.64
N THR B 191 -20.75 17.67 -6.79
CA THR B 191 -19.63 18.18 -7.60
C THR B 191 -20.00 19.53 -8.23
N VAL B 192 -21.26 19.64 -8.68
CA VAL B 192 -21.92 20.89 -9.18
C VAL B 192 -22.05 21.91 -8.06
N HIS B 193 -22.56 21.49 -6.89
CA HIS B 193 -22.79 22.40 -5.75
C HIS B 193 -21.44 23.01 -5.36
N SER B 194 -20.38 22.20 -5.21
CA SER B 194 -19.06 22.69 -4.73
C SER B 194 -18.47 23.69 -5.75
N LEU B 195 -18.57 23.41 -7.04
CA LEU B 195 -17.96 24.29 -8.07
C LEU B 195 -18.77 25.57 -8.24
N SER B 196 -20.09 25.46 -8.27
CA SER B 196 -21.05 26.59 -8.28
C SER B 196 -20.63 27.61 -7.25
N LYS B 197 -20.51 27.14 -6.01
CA LYS B 197 -20.04 27.91 -4.83
C LYS B 197 -18.78 28.67 -5.20
N LEU B 198 -17.80 28.01 -5.81
CA LEU B 198 -16.50 28.65 -6.15
C LEU B 198 -16.68 29.60 -7.35
N LEU B 199 -17.29 29.15 -8.42
CA LEU B 199 -17.52 29.98 -9.65
C LEU B 199 -18.24 31.30 -9.31
N SER B 200 -19.27 31.30 -8.47
CA SER B 200 -20.13 32.47 -8.15
C SER B 200 -19.35 33.60 -7.44
N ARG B 201 -18.14 33.32 -6.98
CA ARG B 201 -17.18 34.32 -6.41
C ARG B 201 -16.71 35.23 -7.55
N TYR B 202 -16.99 34.84 -8.80
CA TYR B 202 -16.42 35.45 -10.04
C TYR B 202 -17.55 35.93 -10.95
N ASN B 203 -17.21 36.52 -12.10
CA ASN B 203 -18.21 37.08 -13.03
C ASN B 203 -18.68 35.93 -13.92
N VAL B 204 -19.63 35.12 -13.44
CA VAL B 204 -20.09 33.87 -14.10
C VAL B 204 -21.61 33.89 -14.21
N SER B 205 -22.14 33.29 -15.26
CA SER B 205 -23.57 33.07 -15.51
C SER B 205 -23.82 31.56 -15.64
N PHE B 206 -24.95 31.06 -15.15
CA PHE B 206 -25.23 29.61 -14.96
C PHE B 206 -26.48 29.25 -15.74
N ASN B 207 -26.39 28.14 -16.47
CA ASN B 207 -27.52 27.45 -17.15
C ASN B 207 -27.62 26.07 -16.51
N PHE B 208 -28.60 25.83 -15.66
CA PHE B 208 -28.86 24.51 -15.05
C PHE B 208 -29.82 23.75 -15.98
N VAL B 209 -29.26 22.70 -16.61
CA VAL B 209 -29.97 21.81 -17.57
C VAL B 209 -30.27 20.51 -16.87
N SER B 210 -31.54 20.15 -16.66
CA SER B 210 -31.92 18.95 -15.90
C SER B 210 -33.32 18.47 -16.29
N CYS B 211 -33.64 17.27 -15.85
CA CYS B 211 -35.01 16.73 -15.66
C CYS B 211 -35.56 17.37 -14.38
N LYS B 212 -36.88 17.56 -14.29
CA LYS B 212 -37.55 18.40 -13.25
C LYS B 212 -37.15 17.94 -11.85
N SER B 213 -37.30 16.65 -11.55
CA SER B 213 -37.00 16.07 -10.21
C SER B 213 -35.50 15.91 -9.98
N LEU B 214 -34.63 16.41 -10.87
CA LEU B 214 -33.16 16.55 -10.58
C LEU B 214 -32.70 18.01 -10.70
N ASN B 215 -33.57 19.01 -10.53
CA ASN B 215 -33.19 20.45 -10.55
C ASN B 215 -32.13 20.73 -9.47
N ILE B 216 -31.42 21.82 -9.64
CA ILE B 216 -30.47 22.33 -8.62
C ILE B 216 -31.25 22.63 -7.33
N PRO B 217 -30.76 22.33 -6.11
CA PRO B 217 -31.46 22.73 -4.88
C PRO B 217 -31.50 24.26 -4.75
N LYS B 218 -32.53 24.80 -4.10
CA LYS B 218 -32.70 26.26 -3.89
C LYS B 218 -31.58 26.80 -2.98
N ASP B 219 -31.12 26.02 -2.00
CA ASP B 219 -30.07 26.47 -1.03
C ASP B 219 -28.85 26.91 -1.86
N ILE B 220 -28.56 26.22 -2.97
CA ILE B 220 -27.40 26.46 -3.88
C ILE B 220 -27.66 27.70 -4.73
N VAL B 221 -28.82 27.79 -5.37
CA VAL B 221 -29.21 29.01 -6.10
C VAL B 221 -29.01 30.23 -5.21
N ASN B 222 -29.34 30.15 -3.92
CA ASN B 222 -29.29 31.28 -2.95
C ASN B 222 -27.85 31.68 -2.65
N THR B 223 -26.93 30.72 -2.59
CA THR B 223 -25.48 30.95 -2.32
C THR B 223 -24.88 31.66 -3.54
N ILE B 224 -25.18 31.16 -4.73
CA ILE B 224 -24.75 31.76 -6.03
C ILE B 224 -25.24 33.21 -6.06
N THR B 225 -26.54 33.39 -5.83
CA THR B 225 -27.24 34.69 -5.93
C THR B 225 -26.56 35.66 -4.96
N TYR B 226 -26.33 35.21 -3.73
CA TYR B 226 -25.74 36.05 -2.67
C TYR B 226 -24.30 36.43 -3.09
N ASN B 227 -23.54 35.50 -3.62
CA ASN B 227 -22.10 35.68 -3.96
C ASN B 227 -21.90 36.59 -5.18
N LEU B 228 -22.82 36.54 -6.16
CA LEU B 228 -22.80 37.37 -7.38
C LEU B 228 -23.16 38.82 -7.00
N LYS B 229 -24.18 38.99 -6.16
CA LYS B 229 -24.54 40.30 -5.57
C LYS B 229 -23.33 40.88 -4.84
N LYS B 230 -22.67 40.12 -3.97
CA LYS B 230 -21.53 40.68 -3.18
C LYS B 230 -20.52 41.33 -4.13
N ASN B 231 -20.33 40.81 -5.36
CA ASN B 231 -19.32 41.31 -6.33
C ASN B 231 -19.95 42.18 -7.44
N ASN B 232 -21.24 42.50 -7.35
CA ASN B 232 -21.98 43.41 -8.28
C ASN B 232 -22.00 42.82 -9.70
N PHE B 233 -22.26 41.52 -9.80
CA PHE B 233 -22.32 40.74 -11.05
C PHE B 233 -23.69 40.06 -11.18
N TYR B 234 -24.61 40.28 -10.23
CA TYR B 234 -25.93 39.60 -10.31
C TYR B 234 -26.80 40.32 -11.33
N SER B 235 -27.57 39.58 -12.12
CA SER B 235 -28.74 40.09 -12.88
C SER B 235 -29.79 38.98 -13.06
N ASP B 236 -30.85 39.20 -13.82
CA ASP B 236 -31.89 38.18 -13.99
C ASP B 236 -31.52 37.26 -15.15
N ASP B 237 -30.38 37.50 -15.84
CA ASP B 237 -29.76 36.50 -16.76
C ASP B 237 -28.49 35.89 -16.12
N SER B 238 -28.34 36.00 -14.79
CA SER B 238 -27.26 35.34 -14.02
C SER B 238 -27.53 33.83 -14.00
N ILE B 239 -28.78 33.43 -13.77
CA ILE B 239 -29.20 32.01 -13.66
C ILE B 239 -30.39 31.81 -14.59
N LYS B 240 -30.35 30.74 -15.38
CA LYS B 240 -31.43 30.29 -16.28
C LYS B 240 -31.56 28.77 -16.17
N TYR B 241 -32.77 28.24 -16.33
CA TYR B 241 -33.11 26.81 -16.18
C TYR B 241 -33.69 26.28 -17.50
N PHE B 242 -33.10 25.22 -18.06
CA PHE B 242 -33.59 24.50 -19.26
C PHE B 242 -33.77 23.03 -18.89
N ASP B 243 -34.68 22.37 -19.60
CA ASP B 243 -34.93 20.91 -19.51
C ASP B 243 -34.48 20.25 -20.82
N ASN B 244 -33.63 20.94 -21.59
CA ASN B 244 -33.19 20.45 -22.93
C ASN B 244 -31.88 21.10 -23.36
N LEU B 245 -31.09 20.36 -24.14
CA LEU B 245 -29.69 20.68 -24.49
C LEU B 245 -29.67 21.82 -25.52
N GLU B 246 -30.63 21.80 -26.43
CA GLU B 246 -30.70 22.70 -27.62
C GLU B 246 -30.55 24.12 -27.08
N GLU B 247 -31.49 24.55 -26.24
CA GLU B 247 -31.51 25.87 -25.56
C GLU B 247 -30.33 25.96 -24.57
N GLY B 248 -30.19 24.98 -23.68
CA GLY B 248 -29.28 25.00 -22.52
C GLY B 248 -27.79 25.15 -22.87
N LEU B 249 -27.36 24.61 -24.03
CA LEU B 249 -25.95 24.62 -24.47
C LEU B 249 -25.65 25.86 -25.31
N GLU B 250 -26.60 26.79 -25.42
CA GLU B 250 -26.46 28.02 -26.27
C GLU B 250 -25.12 28.65 -25.93
N ASP B 251 -25.06 29.93 -25.54
CA ASP B 251 -23.80 30.70 -25.71
C ASP B 251 -22.90 30.43 -24.48
N VAL B 252 -22.41 29.19 -24.28
CA VAL B 252 -21.71 28.79 -23.02
C VAL B 252 -20.25 28.43 -23.33
N HIS B 253 -19.32 29.01 -22.60
CA HIS B 253 -17.85 28.72 -22.68
C HIS B 253 -17.55 27.33 -22.13
N ILE B 254 -18.28 26.83 -21.13
CA ILE B 254 -18.10 25.48 -20.54
C ILE B 254 -19.41 24.70 -20.53
N ILE B 255 -19.34 23.44 -20.93
CA ILE B 255 -20.39 22.43 -20.63
C ILE B 255 -19.82 21.45 -19.62
N TYR B 256 -20.38 21.39 -18.41
CA TYR B 256 -20.00 20.44 -17.33
C TYR B 256 -21.12 19.39 -17.19
N MET B 257 -20.81 18.16 -17.59
CA MET B 257 -21.70 16.99 -17.50
C MET B 257 -21.42 16.28 -16.18
N THR B 258 -22.48 15.93 -15.46
CA THR B 258 -22.44 15.27 -14.14
C THR B 258 -22.48 13.76 -14.33
N ARG B 259 -22.10 13.05 -13.28
CA ARG B 259 -22.32 11.60 -13.18
C ARG B 259 -23.83 11.35 -13.10
N ILE B 260 -24.25 10.14 -13.47
CA ILE B 260 -25.56 9.56 -13.08
C ILE B 260 -25.29 8.36 -12.18
N GLN B 261 -25.50 8.48 -10.89
CA GLN B 261 -25.12 7.37 -9.98
C GLN B 261 -26.36 6.60 -9.60
N LYS B 262 -26.46 5.34 -10.02
CA LYS B 262 -27.65 4.48 -9.79
C LYS B 262 -28.01 4.41 -8.30
N GLU B 263 -27.02 4.48 -7.40
CA GLU B 263 -27.23 4.22 -5.94
C GLU B 263 -27.86 5.43 -5.23
N ARG B 264 -28.00 6.59 -5.91
CA ARG B 264 -28.76 7.77 -5.42
C ARG B 264 -30.24 7.66 -5.87
N PHE B 265 -30.74 6.49 -6.26
CA PHE B 265 -32.09 6.40 -6.86
C PHE B 265 -32.92 5.33 -6.15
N THR B 266 -34.17 5.66 -5.80
CA THR B 266 -35.02 4.74 -5.02
C THR B 266 -34.75 3.33 -5.58
N ASP B 267 -34.74 3.17 -6.91
CA ASP B 267 -34.53 1.85 -7.59
C ASP B 267 -34.15 2.03 -9.09
N VAL B 268 -33.88 0.85 -9.72
CA VAL B 268 -33.20 0.73 -11.06
C VAL B 268 -34.01 1.54 -12.07
N ASP B 269 -35.34 1.49 -11.93
CA ASP B 269 -36.34 2.09 -12.86
C ASP B 269 -36.26 3.64 -12.92
N GLU B 270 -36.08 4.27 -11.71
CA GLU B 270 -35.84 5.75 -11.61
C GLU B 270 -34.51 6.14 -12.30
N TYR B 271 -33.40 5.40 -12.01
CA TYR B 271 -32.06 5.60 -12.63
C TYR B 271 -32.18 5.70 -14.15
N ASN B 272 -32.72 4.64 -14.78
CA ASN B 272 -32.76 4.48 -16.25
C ASN B 272 -33.61 5.56 -16.89
N GLN B 273 -34.51 6.16 -16.15
CA GLN B 273 -35.50 7.04 -16.81
C GLN B 273 -34.86 8.43 -16.86
N TYR B 274 -33.63 8.55 -16.35
CA TYR B 274 -32.86 9.81 -16.21
C TYR B 274 -31.41 9.69 -16.73
N LYS B 275 -30.93 8.44 -16.88
CA LYS B 275 -29.51 8.21 -17.24
C LYS B 275 -29.36 8.66 -18.69
N ASN B 276 -30.37 8.51 -19.55
CA ASN B 276 -30.27 8.96 -20.98
C ASN B 276 -31.15 10.17 -21.30
N ALA B 277 -31.44 11.06 -20.35
CA ALA B 277 -32.10 12.37 -20.60
C ALA B 277 -31.22 13.32 -21.42
N PHE B 278 -29.90 13.36 -21.17
CA PHE B 278 -28.97 14.28 -21.87
C PHE B 278 -27.68 13.59 -22.26
N ILE B 279 -27.65 12.92 -23.41
CA ILE B 279 -26.42 12.31 -23.99
C ILE B 279 -25.77 13.34 -24.92
N LEU B 280 -24.56 13.80 -24.56
CA LEU B 280 -23.70 14.65 -25.42
C LEU B 280 -23.24 13.82 -26.62
N SER B 281 -23.45 14.31 -27.85
CA SER B 281 -22.96 13.71 -29.13
C SER B 281 -22.30 14.80 -29.98
N ASN B 282 -21.59 14.45 -31.05
CA ASN B 282 -21.06 15.46 -32.01
C ASN B 282 -22.21 16.26 -32.66
N LYS B 283 -23.36 15.61 -32.88
CA LYS B 283 -24.62 16.23 -33.39
C LYS B 283 -25.04 17.36 -32.42
N THR B 284 -25.18 17.06 -31.12
CA THR B 284 -25.69 18.01 -30.08
C THR B 284 -24.66 19.10 -29.75
N LEU B 285 -23.49 19.11 -30.39
CA LEU B 285 -22.46 20.16 -30.16
C LEU B 285 -22.34 21.07 -31.39
N GLU B 286 -23.15 20.88 -32.43
CA GLU B 286 -23.27 21.75 -33.63
C GLU B 286 -23.48 23.24 -33.25
N ASN B 287 -24.28 23.54 -32.23
CA ASN B 287 -24.79 24.92 -31.95
C ASN B 287 -24.27 25.35 -30.58
N THR B 288 -22.96 25.23 -30.41
CA THR B 288 -22.23 25.67 -29.21
C THR B 288 -21.20 26.66 -29.74
N ARG B 289 -20.54 27.41 -28.86
CA ARG B 289 -19.48 28.34 -29.28
C ARG B 289 -18.36 27.55 -29.93
N ASP B 290 -17.49 28.20 -30.69
CA ASP B 290 -16.30 27.51 -31.23
C ASP B 290 -15.38 27.17 -30.08
N ASP B 291 -15.39 27.97 -29.01
CA ASP B 291 -14.36 27.90 -27.95
C ASP B 291 -14.83 27.00 -26.79
N THR B 292 -16.10 26.61 -26.78
CA THR B 292 -16.69 25.76 -25.71
C THR B 292 -15.80 24.53 -25.45
N LYS B 293 -15.73 24.15 -24.18
CA LYS B 293 -14.95 22.99 -23.68
C LYS B 293 -15.87 22.16 -22.78
N ILE B 294 -15.76 20.84 -22.91
CA ILE B 294 -16.60 19.87 -22.17
C ILE B 294 -15.79 19.30 -21.02
N LEU B 295 -16.30 19.44 -19.79
CA LEU B 295 -15.80 18.81 -18.55
C LEU B 295 -16.77 17.72 -18.09
N HIS B 296 -16.25 16.78 -17.36
CA HIS B 296 -16.97 15.67 -16.71
C HIS B 296 -16.05 15.15 -15.63
N PRO B 297 -16.49 15.05 -14.36
CA PRO B 297 -15.62 14.58 -13.28
C PRO B 297 -15.27 13.09 -13.42
N LEU B 298 -16.00 12.34 -14.24
CA LEU B 298 -15.74 10.90 -14.58
C LEU B 298 -15.94 10.04 -13.33
N PRO B 299 -16.26 8.73 -13.45
CA PRO B 299 -16.42 8.05 -14.74
C PRO B 299 -17.70 8.46 -15.48
N ARG B 300 -17.71 8.27 -16.80
CA ARG B 300 -18.92 8.38 -17.64
C ARG B 300 -19.54 6.99 -17.80
N VAL B 301 -20.82 6.99 -18.15
CA VAL B 301 -21.63 5.84 -18.63
C VAL B 301 -22.70 6.43 -19.56
N ASN B 302 -22.42 6.71 -20.83
CA ASN B 302 -23.50 7.07 -21.80
C ASN B 302 -23.70 8.60 -21.93
N GLU B 303 -23.73 9.35 -20.81
CA GLU B 303 -23.70 10.84 -20.76
C GLU B 303 -22.93 11.41 -21.96
N ILE B 304 -21.75 10.82 -22.29
CA ILE B 304 -20.86 11.31 -23.38
C ILE B 304 -20.46 10.15 -24.27
N LYS B 305 -20.84 10.22 -25.55
CA LYS B 305 -20.51 9.22 -26.61
C LYS B 305 -19.01 9.29 -26.91
N VAL B 306 -18.40 8.12 -27.08
CA VAL B 306 -16.95 7.96 -27.37
C VAL B 306 -16.60 8.89 -28.54
N GLU B 307 -17.49 8.99 -29.54
CA GLU B 307 -17.27 9.87 -30.72
C GLU B 307 -16.79 11.26 -30.25
N VAL B 308 -17.14 11.72 -29.04
CA VAL B 308 -16.89 13.14 -28.61
C VAL B 308 -15.43 13.29 -28.17
N ASP B 309 -14.83 12.21 -27.71
CA ASP B 309 -13.40 12.15 -27.26
C ASP B 309 -12.49 12.69 -28.37
N SER B 310 -12.86 12.48 -29.64
CA SER B 310 -12.07 12.84 -30.85
C SER B 310 -12.27 14.32 -31.18
N ASN B 311 -13.36 14.88 -30.66
CA ASN B 311 -13.78 16.28 -30.88
C ASN B 311 -12.92 17.20 -30.01
N PRO B 312 -12.18 18.15 -30.64
CA PRO B 312 -11.26 19.04 -29.91
C PRO B 312 -11.87 19.83 -28.72
N LYS B 313 -13.19 19.94 -28.62
CA LYS B 313 -13.87 20.61 -27.49
C LYS B 313 -13.75 19.78 -26.20
N SER B 314 -13.69 18.44 -26.31
CA SER B 314 -13.64 17.55 -25.13
C SER B 314 -12.30 17.75 -24.38
N VAL B 315 -12.35 17.94 -23.06
CA VAL B 315 -11.15 18.09 -22.19
C VAL B 315 -11.33 17.29 -20.90
N TYR B 316 -12.31 16.39 -20.78
CA TYR B 316 -12.59 15.65 -19.51
C TYR B 316 -11.40 14.78 -19.10
N PHE B 317 -10.57 14.38 -20.07
CA PHE B 317 -9.37 13.53 -19.82
C PHE B 317 -8.22 14.43 -19.32
N THR B 318 -8.07 15.61 -19.88
CA THR B 318 -7.10 16.62 -19.37
C THR B 318 -7.48 16.98 -17.94
N GLN B 319 -8.76 17.17 -17.69
CA GLN B 319 -9.32 17.52 -16.35
C GLN B 319 -8.79 16.51 -15.33
N ALA B 320 -8.94 15.22 -15.60
CA ALA B 320 -8.57 14.11 -14.70
C ALA B 320 -7.05 14.18 -14.47
N GLU B 321 -6.31 14.39 -15.55
CA GLU B 321 -4.86 14.52 -15.57
C GLU B 321 -4.47 15.70 -14.65
N ASN B 322 -5.25 16.77 -14.64
CA ASN B 322 -4.89 18.03 -13.92
C ASN B 322 -4.97 17.80 -12.42
N GLY B 323 -5.71 16.79 -11.99
CA GLY B 323 -5.85 16.45 -10.56
C GLY B 323 -4.47 16.14 -9.98
N LEU B 324 -3.56 15.54 -10.75
CA LEU B 324 -2.22 15.20 -10.24
C LEU B 324 -1.49 16.52 -9.91
N TYR B 325 -1.62 17.55 -10.76
CA TYR B 325 -0.85 18.82 -10.70
C TYR B 325 -1.40 19.65 -9.54
N VAL B 326 -2.70 19.63 -9.34
CA VAL B 326 -3.40 20.41 -8.29
C VAL B 326 -3.16 19.77 -6.92
N ARG B 327 -3.24 18.46 -6.82
CA ARG B 327 -2.97 17.72 -5.57
C ARG B 327 -1.48 17.86 -5.21
N MET B 328 -0.57 17.91 -6.18
CA MET B 328 0.86 18.09 -5.83
C MET B 328 1.04 19.51 -5.28
N ALA B 329 0.39 20.48 -5.92
CA ALA B 329 0.53 21.90 -5.58
C ALA B 329 0.03 22.09 -4.16
N LEU B 330 -1.09 21.50 -3.87
CA LEU B 330 -1.75 21.68 -2.56
C LEU B 330 -0.87 21.02 -1.48
N LEU B 331 -0.35 19.81 -1.70
CA LEU B 331 0.56 19.16 -0.72
C LEU B 331 1.80 20.05 -0.49
N TYR B 332 2.38 20.55 -1.58
CA TYR B 332 3.61 21.38 -1.55
C TYR B 332 3.34 22.65 -0.72
N LEU B 333 2.19 23.29 -0.94
CA LEU B 333 1.91 24.62 -0.34
C LEU B 333 1.64 24.43 1.15
N ILE B 334 1.13 23.29 1.55
CA ILE B 334 0.71 23.06 2.97
C ILE B 334 1.89 22.52 3.80
N PHE B 335 2.67 21.59 3.24
CA PHE B 335 3.57 20.72 4.04
C PHE B 335 5.04 21.11 3.86
N SER B 336 5.41 21.92 2.87
CA SER B 336 6.85 22.20 2.65
C SER B 336 7.30 23.04 3.84
N SER B 337 8.55 22.85 4.26
CA SER B 337 9.11 23.49 5.48
C SER B 337 9.68 24.85 5.12
N THR B 338 9.81 25.15 3.81
CA THR B 338 10.70 26.22 3.28
C THR B 338 9.98 27.05 2.21
N SER B 339 10.45 28.29 2.02
CA SER B 339 10.11 29.28 0.96
C SER B 339 11.01 29.09 -0.29
N SER B 340 10.45 28.48 -1.34
CA SER B 340 11.15 28.09 -2.61
C SER B 340 10.08 27.88 -3.71
N ALA B 341 10.46 27.33 -4.88
CA ALA B 341 9.55 26.72 -5.89
C ALA B 341 10.42 25.92 -6.87
N ASP C 11 25.28 -5.59 -27.88
CA ASP C 11 25.41 -4.11 -27.73
C ASP C 11 24.28 -3.55 -26.85
N LEU C 12 24.40 -3.68 -25.52
CA LEU C 12 23.35 -3.34 -24.52
C LEU C 12 22.65 -2.02 -24.88
N ASP C 13 23.39 -1.05 -25.44
CA ASP C 13 22.88 0.32 -25.59
C ASP C 13 21.97 0.39 -26.83
N LYS C 14 22.33 -0.27 -27.93
CA LYS C 14 21.42 -0.44 -29.11
C LYS C 14 20.11 -1.05 -28.61
N ILE C 15 20.21 -2.18 -27.90
CA ILE C 15 19.04 -3.00 -27.45
C ILE C 15 18.21 -2.23 -26.41
N MET C 16 18.85 -1.53 -25.46
CA MET C 16 18.14 -0.69 -24.46
C MET C 16 17.25 0.37 -25.15
N THR C 17 17.76 1.11 -26.13
CA THR C 17 16.99 2.14 -26.88
C THR C 17 15.72 1.48 -27.43
N LYS C 18 15.85 0.26 -27.98
CA LYS C 18 14.74 -0.49 -28.64
C LYS C 18 13.71 -0.96 -27.60
N MET C 19 14.15 -1.28 -26.38
CA MET C 19 13.30 -1.84 -25.29
C MET C 19 12.61 -0.73 -24.50
N LYS C 20 13.14 0.49 -24.53
CA LYS C 20 12.64 1.69 -23.78
C LYS C 20 11.16 1.89 -24.13
N ASN C 21 10.29 1.90 -23.13
CA ASN C 21 8.83 2.11 -23.27
C ASN C 21 8.13 0.94 -23.98
N LYS C 22 8.74 -0.24 -24.02
CA LYS C 22 8.12 -1.45 -24.63
C LYS C 22 7.13 -2.02 -23.62
N SER C 23 5.95 -2.43 -24.05
CA SER C 23 5.01 -3.25 -23.25
C SER C 23 5.41 -4.71 -23.37
N VAL C 24 5.41 -5.45 -22.29
CA VAL C 24 5.67 -6.91 -22.35
C VAL C 24 4.40 -7.65 -21.95
N ILE C 25 3.74 -8.28 -22.91
CA ILE C 25 2.42 -8.94 -22.72
C ILE C 25 2.59 -10.44 -22.89
N ASN C 26 3.27 -10.84 -23.97
CA ASN C 26 3.48 -12.25 -24.39
C ASN C 26 5.00 -12.47 -24.42
N ILE C 27 5.48 -13.71 -24.22
CA ILE C 27 6.94 -14.04 -24.35
C ILE C 27 7.43 -13.80 -25.78
N ASP C 28 6.52 -13.84 -26.78
CA ASP C 28 6.83 -13.60 -28.22
C ASP C 28 7.10 -12.11 -28.45
N ASP C 29 6.79 -11.22 -27.49
CA ASP C 29 7.15 -9.78 -27.57
C ASP C 29 8.65 -9.61 -27.35
N VAL C 30 9.32 -10.67 -26.91
CA VAL C 30 10.77 -10.60 -26.58
C VAL C 30 11.54 -11.41 -27.62
N ASP C 31 12.49 -10.76 -28.30
CA ASP C 31 13.31 -11.37 -29.36
C ASP C 31 14.65 -11.84 -28.77
N ASP C 32 15.45 -12.48 -29.63
CA ASP C 32 16.83 -12.96 -29.36
C ASP C 32 17.58 -11.87 -28.60
N GLU C 33 17.86 -10.74 -29.24
CA GLU C 33 18.73 -9.67 -28.68
C GLU C 33 18.18 -9.24 -27.31
N GLU C 34 16.85 -9.07 -27.20
CA GLU C 34 16.19 -8.57 -25.96
C GLU C 34 16.39 -9.59 -24.82
N LEU C 35 16.12 -10.86 -25.10
CA LEU C 35 16.33 -11.99 -24.14
C LEU C 35 17.78 -11.95 -23.63
N LEU C 36 18.76 -11.62 -24.47
CA LEU C 36 20.19 -11.62 -24.08
C LEU C 36 20.40 -10.49 -23.09
N ALA C 37 19.85 -9.29 -23.35
CA ALA C 37 19.99 -8.15 -22.43
C ALA C 37 19.34 -8.49 -21.09
N ILE C 38 18.19 -9.12 -21.13
CA ILE C 38 17.45 -9.43 -19.89
C ILE C 38 18.32 -10.40 -19.08
N LEU C 39 18.87 -11.43 -19.72
CA LEU C 39 19.62 -12.50 -18.98
C LEU C 39 20.94 -11.94 -18.45
N TYR C 40 21.58 -11.08 -19.22
CA TYR C 40 22.82 -10.39 -18.81
C TYR C 40 22.54 -9.41 -17.68
N THR C 41 21.45 -8.65 -17.75
CA THR C 41 21.07 -7.65 -16.69
C THR C 41 20.61 -8.40 -15.42
N SER C 42 19.79 -9.44 -15.54
CA SER C 42 19.28 -10.22 -14.39
C SER C 42 20.47 -10.77 -13.59
N LYS C 43 21.54 -11.19 -14.28
CA LYS C 43 22.77 -11.73 -13.66
C LYS C 43 23.45 -10.61 -12.87
N GLN C 44 23.46 -9.41 -13.42
CA GLN C 44 24.16 -8.27 -12.78
C GLN C 44 23.42 -7.95 -11.47
N PHE C 45 22.09 -8.05 -11.46
CA PHE C 45 21.28 -7.79 -10.25
C PHE C 45 21.48 -8.92 -9.25
N GLU C 46 21.56 -10.18 -9.69
CA GLU C 46 21.85 -11.34 -8.80
C GLU C 46 23.14 -11.08 -8.00
N LYS C 47 24.21 -10.64 -8.66
CA LYS C 47 25.53 -10.46 -8.02
C LYS C 47 25.43 -9.24 -7.10
N ILE C 48 24.84 -8.14 -7.57
CA ILE C 48 24.74 -6.85 -6.80
C ILE C 48 24.05 -7.14 -5.47
N LEU C 49 22.90 -7.79 -5.53
CA LEU C 49 22.09 -8.11 -4.34
C LEU C 49 22.85 -9.14 -3.48
N LYS C 50 23.39 -10.21 -4.06
CA LYS C 50 24.10 -11.26 -3.28
C LYS C 50 25.34 -10.69 -2.56
N ASN C 51 25.93 -9.58 -3.02
CA ASN C 51 27.13 -8.93 -2.43
C ASN C 51 26.71 -7.71 -1.60
N ASN C 52 25.42 -7.59 -1.31
CA ASN C 52 24.82 -6.51 -0.51
C ASN C 52 25.28 -5.14 -1.01
N GLU C 53 25.34 -4.92 -2.32
CA GLU C 53 25.68 -3.60 -2.92
C GLU C 53 24.41 -2.79 -3.17
N ASP C 54 24.56 -1.49 -3.41
CA ASP C 54 23.49 -0.55 -3.83
C ASP C 54 22.91 -1.09 -5.14
N SER C 55 21.58 -1.09 -5.24
CA SER C 55 20.80 -1.66 -6.38
C SER C 55 19.88 -0.59 -6.95
N LYS C 56 20.02 0.67 -6.55
CA LYS C 56 19.09 1.76 -6.90
C LYS C 56 19.43 2.31 -8.29
N TYR C 57 19.25 1.47 -9.31
CA TYR C 57 19.56 1.77 -10.73
C TYR C 57 18.33 2.33 -11.46
N LEU C 58 17.23 2.61 -10.75
CA LEU C 58 15.98 3.15 -11.35
C LEU C 58 15.18 3.86 -10.26
N GLU C 59 15.65 5.06 -9.89
CA GLU C 59 14.98 5.93 -8.92
C GLU C 59 14.09 6.89 -9.68
N ASN C 60 13.22 7.57 -8.96
CA ASN C 60 12.40 8.66 -9.54
C ASN C 60 11.28 8.14 -10.44
N LYS C 61 11.02 6.84 -10.44
CA LYS C 61 9.82 6.28 -11.10
C LYS C 61 8.72 6.06 -10.06
N VAL C 62 7.48 6.24 -10.48
CA VAL C 62 6.27 5.87 -9.69
C VAL C 62 5.41 4.96 -10.57
N PHE C 63 5.19 3.74 -10.15
CA PHE C 63 4.42 2.73 -10.91
C PHE C 63 3.11 2.45 -10.19
N CYS C 64 2.17 1.88 -10.91
CA CYS C 64 0.90 1.36 -10.37
C CYS C 64 0.90 -0.12 -10.61
N SER C 65 0.64 -0.87 -9.54
CA SER C 65 0.47 -2.33 -9.55
C SER C 65 -1.03 -2.56 -9.47
N VAL C 66 -1.61 -3.22 -10.46
CA VAL C 66 -3.05 -3.59 -10.46
C VAL C 66 -3.16 -5.10 -10.49
N PHE C 67 -3.64 -5.67 -9.38
CA PHE C 67 -3.85 -7.13 -9.21
C PHE C 67 -5.34 -7.33 -8.97
N LEU C 68 -6.05 -7.74 -10.01
CA LEU C 68 -7.51 -7.98 -9.94
C LEU C 68 -7.78 -9.48 -9.75
N GLU C 69 -6.80 -10.26 -9.31
CA GLU C 69 -7.07 -11.56 -8.65
C GLU C 69 -6.05 -11.71 -7.53
N PRO C 70 -6.37 -12.49 -6.48
CA PRO C 70 -5.39 -12.86 -5.47
C PRO C 70 -4.23 -13.52 -6.22
N SER C 71 -3.02 -12.98 -6.05
CA SER C 71 -1.79 -13.53 -6.66
C SER C 71 -0.57 -12.97 -5.91
N THR C 72 -0.69 -13.01 -4.59
CA THR C 72 0.27 -12.52 -3.57
C THR C 72 1.74 -12.77 -3.96
N ARG C 73 2.17 -14.00 -4.26
CA ARG C 73 3.61 -14.28 -4.53
C ARG C 73 4.14 -13.38 -5.67
N THR C 74 3.36 -13.21 -6.75
CA THR C 74 3.82 -12.55 -8.02
C THR C 74 3.87 -11.04 -7.76
N ARG C 75 2.83 -10.57 -7.06
CA ARG C 75 2.63 -9.14 -6.77
C ARG C 75 3.75 -8.67 -5.82
N CYS C 76 4.03 -9.42 -4.73
CA CYS C 76 5.15 -9.14 -3.82
C CYS C 76 6.49 -9.18 -4.59
N SER C 77 6.60 -10.07 -5.54
CA SER C 77 7.82 -10.19 -6.35
C SER C 77 8.07 -8.85 -7.07
N PHE C 78 7.04 -8.32 -7.72
CA PHE C 78 7.14 -7.09 -8.55
C PHE C 78 7.37 -5.88 -7.65
N ASP C 79 6.66 -5.83 -6.50
CA ASP C 79 6.72 -4.72 -5.52
C ASP C 79 8.16 -4.64 -4.99
N ALA C 80 8.73 -5.77 -4.58
CA ALA C 80 10.14 -5.87 -4.14
C ALA C 80 11.08 -5.40 -5.26
N ALA C 81 10.82 -5.76 -6.53
CA ALA C 81 11.73 -5.40 -7.65
C ALA C 81 11.80 -3.86 -7.74
N ILE C 82 10.63 -3.23 -7.73
CA ILE C 82 10.42 -1.77 -7.90
C ILE C 82 11.11 -1.01 -6.76
N LEU C 83 10.95 -1.52 -5.54
CA LEU C 83 11.46 -0.88 -4.30
C LEU C 83 12.99 -1.08 -4.23
N LYS C 84 13.49 -2.27 -4.57
CA LYS C 84 14.95 -2.53 -4.57
C LYS C 84 15.63 -1.68 -5.66
N LEU C 85 14.93 -1.30 -6.73
CA LEU C 85 15.54 -0.43 -7.78
C LEU C 85 15.53 1.01 -7.31
N GLY C 86 14.90 1.28 -6.16
CA GLY C 86 14.77 2.65 -5.59
C GLY C 86 13.58 3.43 -6.11
N SER C 87 12.61 2.79 -6.78
CA SER C 87 11.36 3.51 -7.17
C SER C 87 10.26 3.28 -6.15
N LYS C 88 9.12 3.90 -6.39
CA LYS C 88 7.88 3.83 -5.57
C LYS C 88 6.75 3.15 -6.38
N VAL C 89 5.78 2.59 -5.71
CA VAL C 89 4.63 1.94 -6.39
C VAL C 89 3.33 2.25 -5.65
N LEU C 90 2.25 2.64 -6.36
CA LEU C 90 0.89 2.62 -5.73
C LEU C 90 0.11 1.37 -6.17
N ASN C 91 -0.50 0.66 -5.22
CA ASN C 91 -1.12 -0.69 -5.37
C ASN C 91 -2.65 -0.63 -5.45
N ILE C 92 -3.25 -1.38 -6.38
CA ILE C 92 -4.66 -1.84 -6.37
C ILE C 92 -4.62 -3.36 -6.28
N THR C 93 -5.38 -3.94 -5.36
CA THR C 93 -5.06 -5.24 -4.72
C THR C 93 -6.37 -5.76 -4.12
N ASP C 94 -6.42 -7.04 -3.70
CA ASP C 94 -7.55 -7.70 -2.99
C ASP C 94 -8.89 -7.29 -3.65
N MET C 95 -8.94 -7.22 -5.00
CA MET C 95 -10.12 -6.74 -5.78
C MET C 95 -10.29 -7.63 -6.99
N ASN C 96 -11.38 -7.42 -7.75
CA ASN C 96 -11.72 -8.16 -9.01
C ASN C 96 -12.16 -7.16 -10.10
N SER C 97 -12.07 -7.57 -11.38
CA SER C 97 -12.63 -6.89 -12.58
C SER C 97 -13.87 -6.05 -12.23
N THR C 98 -14.90 -6.62 -11.63
CA THR C 98 -16.23 -5.96 -11.55
C THR C 98 -16.17 -4.79 -10.55
N SER C 99 -15.53 -4.94 -9.39
CA SER C 99 -15.50 -3.92 -8.29
C SER C 99 -14.52 -2.78 -8.62
N PHE C 100 -13.42 -3.08 -9.31
CA PHE C 100 -12.45 -2.06 -9.82
C PHE C 100 -13.14 -1.15 -10.87
N TYR C 101 -13.56 -1.74 -11.98
CA TYR C 101 -14.29 -1.11 -13.12
C TYR C 101 -15.79 -0.97 -12.81
N LYS C 102 -16.12 -0.36 -11.66
CA LYS C 102 -17.52 -0.18 -11.22
C LYS C 102 -18.38 0.06 -12.48
N GLY C 103 -18.62 1.30 -12.88
CA GLY C 103 -19.23 1.54 -14.20
C GLY C 103 -18.31 1.09 -15.34
N GLU C 104 -17.04 1.41 -15.18
CA GLU C 104 -16.25 2.17 -16.16
C GLU C 104 -15.69 1.26 -17.24
N THR C 105 -15.61 1.70 -18.49
CA THR C 105 -14.91 0.95 -19.58
C THR C 105 -13.43 0.76 -19.19
N VAL C 106 -12.84 -0.37 -19.51
CA VAL C 106 -11.39 -0.64 -19.27
C VAL C 106 -10.59 0.46 -19.98
N GLU C 107 -11.08 0.90 -21.15
CA GLU C 107 -10.38 1.91 -22.00
C GLU C 107 -10.30 3.24 -21.24
N ASP C 108 -11.41 3.73 -20.68
CA ASP C 108 -11.38 5.01 -19.90
C ASP C 108 -10.44 4.83 -18.68
N ALA C 109 -10.55 3.74 -17.92
CA ALA C 109 -9.81 3.52 -16.66
C ALA C 109 -8.30 3.58 -16.92
N PHE C 110 -7.83 2.97 -18.00
CA PHE C 110 -6.40 2.93 -18.34
C PHE C 110 -5.94 4.25 -18.96
N LYS C 111 -6.78 4.88 -19.77
CA LYS C 111 -6.45 6.19 -20.36
C LYS C 111 -6.14 7.20 -19.25
N ILE C 112 -6.91 7.19 -18.17
CA ILE C 112 -6.74 8.11 -16.99
C ILE C 112 -5.57 7.63 -16.13
N LEU C 113 -5.53 6.35 -15.78
CA LEU C 113 -4.55 5.83 -14.80
C LEU C 113 -3.15 6.11 -15.36
N SER C 114 -2.96 5.86 -16.65
CA SER C 114 -1.64 5.99 -17.30
C SER C 114 -1.16 7.46 -17.36
N THR C 115 -1.98 8.48 -17.07
CA THR C 115 -1.50 9.89 -16.99
C THR C 115 -0.88 10.21 -15.64
N TYR C 116 -1.12 9.41 -14.58
CA TYR C 116 -0.61 9.64 -13.19
C TYR C 116 0.73 8.96 -12.95
N VAL C 117 1.12 7.97 -13.73
CA VAL C 117 2.27 7.07 -13.37
C VAL C 117 3.18 6.85 -14.59
N ASP C 118 4.34 6.24 -14.36
CA ASP C 118 5.36 5.97 -15.40
C ASP C 118 5.10 4.61 -16.06
N GLY C 119 4.52 3.65 -15.35
CA GLY C 119 4.16 2.37 -15.98
C GLY C 119 3.25 1.58 -15.06
N ILE C 120 2.67 0.50 -15.58
CA ILE C 120 1.63 -0.29 -14.85
C ILE C 120 1.99 -1.76 -14.93
N ILE C 121 1.97 -2.45 -13.80
CA ILE C 121 2.01 -3.93 -13.76
C ILE C 121 0.58 -4.37 -13.56
N TYR C 122 0.09 -5.20 -14.46
CA TYR C 122 -1.36 -5.55 -14.53
C TYR C 122 -1.51 -7.07 -14.53
N ARG C 123 -2.21 -7.60 -13.54
CA ARG C 123 -2.69 -8.99 -13.56
C ARG C 123 -4.22 -8.97 -13.54
N ASP C 124 -4.85 -9.73 -14.43
CA ASP C 124 -6.33 -9.80 -14.61
C ASP C 124 -6.67 -11.14 -15.25
N PRO C 125 -7.52 -11.98 -14.63
CA PRO C 125 -7.91 -13.24 -15.26
C PRO C 125 -8.50 -13.06 -16.67
N SER C 126 -9.21 -11.97 -16.95
CA SER C 126 -9.71 -11.66 -18.32
C SER C 126 -8.56 -11.55 -19.32
N LYS C 127 -8.56 -12.44 -20.31
CA LYS C 127 -7.89 -12.30 -21.64
C LYS C 127 -7.97 -10.85 -22.17
N LYS C 128 -9.20 -10.44 -22.55
CA LYS C 128 -9.53 -9.16 -23.25
C LYS C 128 -8.91 -7.97 -22.51
N ASN C 129 -9.18 -7.86 -21.22
CA ASN C 129 -8.95 -6.64 -20.42
C ASN C 129 -7.49 -6.16 -20.58
N VAL C 130 -6.52 -7.07 -20.57
CA VAL C 130 -5.09 -6.69 -20.73
C VAL C 130 -4.88 -6.14 -22.13
N ASP C 131 -5.45 -6.73 -23.16
CA ASP C 131 -5.25 -6.21 -24.54
C ASP C 131 -5.88 -4.82 -24.65
N ILE C 132 -6.99 -4.57 -23.99
CA ILE C 132 -7.65 -3.22 -24.00
C ILE C 132 -6.75 -2.21 -23.29
N ALA C 133 -6.30 -2.57 -22.09
CA ALA C 133 -5.35 -1.81 -21.27
C ALA C 133 -4.13 -1.37 -22.09
N VAL C 134 -3.60 -2.24 -22.95
CA VAL C 134 -2.45 -1.87 -23.82
C VAL C 134 -2.90 -0.86 -24.89
N SER C 135 -4.04 -1.09 -25.56
CA SER C 135 -4.61 -0.13 -26.55
C SER C 135 -4.70 1.26 -25.93
N SER C 136 -5.16 1.35 -24.68
CA SER C 136 -5.69 2.59 -24.06
C SER C 136 -4.60 3.30 -23.29
N SER C 137 -3.59 2.59 -22.80
CA SER C 137 -2.58 3.15 -21.86
C SER C 137 -1.58 4.01 -22.64
N SER C 138 -1.31 5.22 -22.19
CA SER C 138 -0.22 6.06 -22.75
C SER C 138 1.11 5.64 -22.13
N LYS C 139 1.12 4.64 -21.24
CA LYS C 139 2.33 4.19 -20.51
C LYS C 139 2.55 2.69 -20.73
N PRO C 140 3.79 2.23 -20.60
CA PRO C 140 4.09 0.81 -20.79
C PRO C 140 3.42 -0.04 -19.71
N ILE C 141 2.97 -1.23 -20.09
CA ILE C 141 2.31 -2.22 -19.18
C ILE C 141 3.13 -3.49 -19.19
N ILE C 142 3.37 -4.06 -18.03
CA ILE C 142 3.96 -5.42 -17.93
C ILE C 142 2.86 -6.35 -17.44
N ASN C 143 2.57 -7.35 -18.25
CA ASN C 143 1.55 -8.39 -17.96
C ASN C 143 2.11 -9.32 -16.89
N ALA C 144 1.42 -9.40 -15.77
CA ALA C 144 1.81 -10.16 -14.57
C ALA C 144 1.01 -11.45 -14.54
N GLY C 145 0.32 -11.77 -15.63
CA GLY C 145 -0.53 -12.98 -15.73
C GLY C 145 -1.96 -12.63 -16.12
N ASN C 146 -2.50 -13.28 -17.15
CA ASN C 146 -3.93 -13.22 -17.55
C ASN C 146 -4.47 -14.62 -17.88
N GLY C 147 -5.74 -14.70 -18.29
CA GLY C 147 -6.47 -15.96 -18.55
C GLY C 147 -6.52 -16.31 -20.02
N THR C 148 -5.39 -16.14 -20.72
CA THR C 148 -4.97 -16.84 -21.95
C THR C 148 -3.70 -17.64 -21.65
N GLY C 149 -3.09 -17.46 -20.46
CA GLY C 149 -1.85 -18.14 -20.05
C GLY C 149 -0.59 -17.34 -20.35
N GLU C 150 -0.72 -16.15 -20.92
CA GLU C 150 0.43 -15.23 -21.06
C GLU C 150 0.91 -14.90 -19.64
N HIS C 151 2.18 -15.20 -19.35
CA HIS C 151 2.84 -14.83 -18.09
C HIS C 151 4.34 -14.68 -18.37
N PRO C 152 4.71 -13.64 -19.14
CA PRO C 152 6.06 -13.57 -19.71
C PRO C 152 7.19 -13.63 -18.66
N THR C 153 6.98 -12.98 -17.51
CA THR C 153 7.99 -12.88 -16.45
C THR C 153 8.27 -14.29 -15.90
N GLN C 154 7.26 -15.16 -15.84
CA GLN C 154 7.48 -16.54 -15.37
C GLN C 154 8.31 -17.30 -16.40
N SER C 155 7.97 -17.21 -17.67
CA SER C 155 8.80 -17.78 -18.77
C SER C 155 10.22 -17.23 -18.65
N LEU C 156 10.40 -15.91 -18.50
CA LEU C 156 11.78 -15.33 -18.48
C LEU C 156 12.60 -15.88 -17.28
N LEU C 157 12.00 -16.03 -16.10
CA LEU C 157 12.71 -16.45 -14.85
C LEU C 157 12.91 -17.98 -14.89
N ASP C 158 11.98 -18.73 -15.49
CA ASP C 158 12.19 -20.18 -15.80
C ASP C 158 13.43 -20.33 -16.70
N PHE C 159 13.48 -19.58 -17.78
CA PHE C 159 14.63 -19.59 -18.74
C PHE C 159 15.90 -19.17 -17.99
N TYR C 160 15.88 -18.14 -17.15
CA TYR C 160 17.11 -17.63 -16.49
C TYR C 160 17.71 -18.76 -15.63
N THR C 161 16.85 -19.37 -14.82
CA THR C 161 17.19 -20.55 -13.98
C THR C 161 17.94 -21.59 -14.83
N ILE C 162 17.30 -22.08 -15.89
CA ILE C 162 17.85 -23.16 -16.74
C ILE C 162 19.20 -22.70 -17.31
N HIS C 163 19.29 -21.50 -17.85
CA HIS C 163 20.55 -20.95 -18.45
C HIS C 163 21.69 -21.01 -17.44
N ASN C 164 21.43 -20.81 -16.13
CA ASN C 164 22.52 -20.76 -15.11
C ASN C 164 23.20 -22.12 -14.99
N TYR C 165 22.47 -23.23 -15.15
CA TYR C 165 22.98 -24.63 -15.05
C TYR C 165 23.42 -25.14 -16.43
N PHE C 166 22.91 -24.58 -17.54
CA PHE C 166 23.17 -25.07 -18.91
C PHE C 166 23.30 -23.92 -19.90
N PRO C 167 24.31 -23.03 -19.74
CA PRO C 167 24.40 -21.82 -20.56
C PRO C 167 24.66 -22.05 -22.06
N PHE C 168 24.79 -23.32 -22.50
CA PHE C 168 24.97 -23.71 -23.92
C PHE C 168 23.61 -23.75 -24.68
N ILE C 169 22.47 -23.52 -24.02
CA ILE C 169 21.14 -23.43 -24.67
C ILE C 169 21.19 -22.19 -25.59
N LEU C 170 21.85 -21.12 -25.14
CA LEU C 170 22.01 -19.83 -25.89
C LEU C 170 22.94 -19.99 -27.10
N ASP C 171 23.73 -21.04 -27.18
CA ASP C 171 24.81 -21.18 -28.19
C ASP C 171 24.22 -21.65 -29.54
N ARG C 172 22.98 -22.19 -29.60
CA ARG C 172 22.32 -22.65 -30.86
C ARG C 172 23.24 -23.67 -31.54
N ASN C 173 23.80 -24.59 -30.75
CA ASN C 173 24.93 -25.46 -31.15
C ASN C 173 24.38 -26.86 -31.47
N ILE C 174 24.50 -27.31 -32.72
CA ILE C 174 23.88 -28.59 -33.20
C ILE C 174 24.33 -29.73 -32.29
N ASN C 175 25.57 -29.61 -31.74
CA ASN C 175 26.24 -30.55 -30.80
C ASN C 175 25.70 -30.43 -29.38
N LYS C 176 25.38 -29.22 -28.91
CA LYS C 176 24.88 -29.01 -27.52
C LYS C 176 23.36 -28.82 -27.53
N LYS C 177 22.64 -29.92 -27.31
CA LYS C 177 21.16 -30.01 -27.18
C LYS C 177 20.78 -30.22 -25.71
N LEU C 178 19.74 -29.52 -25.25
CA LEU C 178 19.17 -29.64 -23.89
C LEU C 178 17.84 -30.40 -23.95
N ASN C 179 17.57 -31.30 -23.00
CA ASN C 179 16.34 -32.13 -22.95
C ASN C 179 15.61 -31.83 -21.64
N ILE C 180 14.28 -31.73 -21.66
CA ILE C 180 13.46 -31.30 -20.50
C ILE C 180 12.18 -32.15 -20.45
N ALA C 181 11.79 -32.61 -19.27
CA ALA C 181 10.51 -33.31 -19.04
C ALA C 181 9.56 -32.32 -18.37
N PHE C 182 8.39 -32.06 -18.96
CA PHE C 182 7.26 -31.34 -18.31
C PHE C 182 6.30 -32.40 -17.78
N VAL C 183 5.96 -32.35 -16.49
CA VAL C 183 5.27 -33.46 -15.79
C VAL C 183 4.01 -32.93 -15.08
N GLY C 184 2.89 -33.66 -15.21
CA GLY C 184 1.66 -33.38 -14.45
C GLY C 184 0.52 -33.00 -15.37
N ASP C 185 -0.04 -31.81 -15.20
CA ASP C 185 -1.23 -31.33 -15.97
C ASP C 185 -0.75 -30.38 -17.06
N LEU C 186 -0.54 -30.91 -18.27
CA LEU C 186 0.05 -30.16 -19.40
C LEU C 186 -1.03 -29.43 -20.19
N LYS C 187 -2.29 -29.86 -20.03
CA LYS C 187 -3.47 -29.22 -20.66
C LYS C 187 -3.62 -27.80 -20.13
N ASN C 188 -3.70 -27.63 -18.81
CA ASN C 188 -4.03 -26.36 -18.11
C ASN C 188 -2.77 -25.65 -17.61
N GLY C 189 -1.61 -26.32 -17.54
CA GLY C 189 -0.33 -25.74 -17.08
C GLY C 189 0.20 -24.68 -18.03
N ARG C 190 -0.33 -23.45 -18.00
CA ARG C 190 -0.09 -22.44 -19.06
C ARG C 190 1.36 -21.95 -18.91
N THR C 191 1.95 -22.34 -17.80
CA THR C 191 3.37 -22.10 -17.44
C THR C 191 4.30 -22.94 -18.33
N VAL C 192 3.88 -24.19 -18.61
CA VAL C 192 4.51 -25.13 -19.58
C VAL C 192 4.43 -24.57 -21.00
N HIS C 193 3.24 -24.12 -21.41
CA HIS C 193 2.99 -23.63 -22.78
C HIS C 193 3.92 -22.45 -23.03
N SER C 194 3.96 -21.50 -22.10
CA SER C 194 4.72 -20.24 -22.29
C SER C 194 6.22 -20.56 -22.42
N LEU C 195 6.75 -21.47 -21.59
CA LEU C 195 8.20 -21.78 -21.59
C LEU C 195 8.58 -22.63 -22.83
N SER C 196 7.78 -23.65 -23.15
CA SER C 196 7.88 -24.47 -24.38
C SER C 196 8.14 -23.54 -25.58
N LYS C 197 7.24 -22.56 -25.76
CA LYS C 197 7.33 -21.49 -26.79
C LYS C 197 8.75 -20.88 -26.78
N LEU C 198 9.27 -20.51 -25.62
CA LEU C 198 10.60 -19.85 -25.50
C LEU C 198 11.73 -20.86 -25.76
N LEU C 199 11.66 -22.02 -25.11
CA LEU C 199 12.70 -23.09 -25.23
C LEU C 199 12.91 -23.48 -26.70
N SER C 200 11.82 -23.72 -27.45
CA SER C 200 11.84 -24.27 -28.83
C SER C 200 12.59 -23.35 -29.81
N ARG C 201 12.86 -22.10 -29.42
CA ARG C 201 13.69 -21.12 -30.18
C ARG C 201 15.14 -21.61 -30.21
N TYR C 202 15.46 -22.63 -29.40
CA TYR C 202 16.86 -23.10 -29.12
C TYR C 202 16.97 -24.59 -29.46
N ASN C 203 18.16 -25.18 -29.26
CA ASN C 203 18.39 -26.62 -29.57
C ASN C 203 17.90 -27.42 -28.38
N VAL C 204 16.59 -27.71 -28.32
CA VAL C 204 15.92 -28.32 -27.15
C VAL C 204 15.07 -29.50 -27.56
N SER C 205 14.96 -30.50 -26.70
CA SER C 205 14.09 -31.70 -26.85
C SER C 205 13.10 -31.78 -25.69
N PHE C 206 11.87 -32.25 -25.94
CA PHE C 206 10.73 -32.20 -24.97
C PHE C 206 10.20 -33.62 -24.71
N ASN C 207 9.98 -33.95 -23.45
CA ASN C 207 9.28 -35.18 -22.98
C ASN C 207 8.01 -34.76 -22.23
N PHE C 208 6.83 -34.90 -22.82
CA PHE C 208 5.55 -34.54 -22.17
C PHE C 208 5.03 -35.77 -21.39
N VAL C 209 5.07 -35.69 -20.06
CA VAL C 209 4.64 -36.77 -19.13
C VAL C 209 3.29 -36.38 -18.53
N SER C 210 2.23 -37.13 -18.76
CA SER C 210 0.87 -36.77 -18.26
C SER C 210 -0.04 -37.99 -18.16
N CYS C 211 -1.18 -37.78 -17.51
CA CYS C 211 -2.40 -38.61 -17.66
C CYS C 211 -3.11 -38.16 -18.95
N LYS C 212 -3.80 -39.09 -19.63
CA LYS C 212 -4.26 -38.99 -21.05
C LYS C 212 -5.05 -37.70 -21.28
N SER C 213 -6.08 -37.45 -20.48
CA SER C 213 -7.02 -36.31 -20.69
C SER C 213 -6.39 -34.99 -20.19
N LEU C 214 -5.09 -34.99 -19.79
CA LEU C 214 -4.32 -33.75 -19.49
C LEU C 214 -3.07 -33.64 -20.38
N ASN C 215 -3.07 -34.24 -21.58
CA ASN C 215 -1.95 -34.11 -22.56
C ASN C 215 -1.73 -32.65 -22.95
N ILE C 216 -0.56 -32.36 -23.49
CA ILE C 216 -0.21 -31.03 -24.07
C ILE C 216 -1.19 -30.70 -25.20
N PRO C 217 -1.72 -29.46 -25.34
CA PRO C 217 -2.60 -29.14 -26.48
C PRO C 217 -1.81 -29.18 -27.79
N LYS C 218 -2.50 -29.47 -28.90
CA LYS C 218 -1.90 -29.63 -30.24
C LYS C 218 -1.31 -28.30 -30.72
N ASP C 219 -2.00 -27.19 -30.42
CA ASP C 219 -1.62 -25.81 -30.80
C ASP C 219 -0.16 -25.58 -30.37
N ILE C 220 0.21 -26.11 -29.20
CA ILE C 220 1.55 -25.94 -28.55
C ILE C 220 2.56 -26.84 -29.25
N VAL C 221 2.24 -28.12 -29.43
CA VAL C 221 3.12 -29.04 -30.21
C VAL C 221 3.50 -28.36 -31.54
N ASN C 222 2.54 -27.69 -32.20
CA ASN C 222 2.74 -27.03 -33.52
C ASN C 222 3.70 -25.83 -33.44
N THR C 223 3.68 -25.07 -32.35
CA THR C 223 4.55 -23.87 -32.16
C THR C 223 6.00 -24.35 -31.92
N ILE C 224 6.14 -25.39 -31.10
CA ILE C 224 7.46 -26.04 -30.83
C ILE C 224 8.02 -26.55 -32.16
N THR C 225 7.21 -27.31 -32.89
CA THR C 225 7.59 -27.97 -34.17
C THR C 225 8.01 -26.89 -35.17
N TYR C 226 7.22 -25.81 -35.27
CA TYR C 226 7.50 -24.68 -36.19
C TYR C 226 8.86 -24.05 -35.80
N ASN C 227 9.10 -23.80 -34.50
CA ASN C 227 10.27 -23.03 -34.01
C ASN C 227 11.57 -23.85 -34.10
N LEU C 228 11.46 -25.17 -33.93
CA LEU C 228 12.59 -26.12 -34.02
C LEU C 228 12.99 -26.25 -35.49
N LYS C 229 12.02 -26.39 -36.39
CA LYS C 229 12.25 -26.37 -37.85
C LYS C 229 12.92 -25.06 -38.26
N LYS C 230 12.44 -23.90 -37.82
CA LYS C 230 13.07 -22.61 -38.23
C LYS C 230 14.59 -22.65 -37.97
N ASN C 231 15.05 -23.33 -36.91
CA ASN C 231 16.48 -23.39 -36.52
C ASN C 231 17.18 -24.69 -36.95
N ASN C 232 16.50 -25.58 -37.70
CA ASN C 232 17.02 -26.88 -38.21
C ASN C 232 17.38 -27.80 -37.05
N PHE C 233 16.54 -27.86 -36.01
CA PHE C 233 16.73 -28.69 -34.79
C PHE C 233 15.55 -29.65 -34.64
N TYR C 234 14.63 -29.69 -35.60
CA TYR C 234 13.48 -30.62 -35.48
C TYR C 234 13.93 -32.01 -35.91
N SER C 235 13.48 -33.05 -35.21
CA SER C 235 13.49 -34.48 -35.65
C SER C 235 12.38 -35.27 -34.92
N ASP C 236 12.37 -36.60 -35.05
CA ASP C 236 11.43 -37.56 -34.40
C ASP C 236 11.79 -37.73 -32.93
N ASP C 237 12.99 -37.34 -32.53
CA ASP C 237 13.42 -37.29 -31.09
C ASP C 237 13.43 -35.85 -30.55
N SER C 238 12.76 -34.91 -31.22
CA SER C 238 12.50 -33.55 -30.71
C SER C 238 11.44 -33.65 -29.62
N ILE C 239 10.38 -34.44 -29.84
CA ILE C 239 9.22 -34.57 -28.91
C ILE C 239 8.96 -36.04 -28.67
N LYS C 240 8.72 -36.44 -27.41
CA LYS C 240 8.28 -37.79 -26.99
C LYS C 240 7.24 -37.67 -25.86
N TYR C 241 6.30 -38.61 -25.75
CA TYR C 241 5.15 -38.56 -24.83
C TYR C 241 5.16 -39.81 -23.94
N PHE C 242 5.15 -39.65 -22.62
CA PHE C 242 5.10 -40.75 -21.62
C PHE C 242 3.89 -40.56 -20.71
N ASP C 243 3.38 -41.66 -20.15
CA ASP C 243 2.31 -41.64 -19.12
C ASP C 243 2.91 -42.11 -17.78
N ASN C 244 4.25 -42.08 -17.65
CA ASN C 244 4.93 -42.55 -16.40
C ASN C 244 6.33 -41.93 -16.26
N LEU C 245 6.76 -41.74 -15.01
CA LEU C 245 7.96 -40.98 -14.60
C LEU C 245 9.23 -41.78 -14.96
N GLU C 246 9.17 -43.10 -14.77
CA GLU C 246 10.32 -44.01 -14.89
C GLU C 246 10.97 -43.75 -16.25
N GLU C 247 10.22 -43.96 -17.32
CA GLU C 247 10.62 -43.66 -18.72
C GLU C 247 10.84 -42.15 -18.91
N GLY C 248 9.83 -41.33 -18.58
CA GLY C 248 9.75 -39.88 -18.87
C GLY C 248 10.93 -39.06 -18.35
N LEU C 249 11.48 -39.44 -17.18
CA LEU C 249 12.57 -38.70 -16.48
C LEU C 249 13.96 -39.16 -16.95
N GLU C 250 14.02 -40.04 -17.97
CA GLU C 250 15.27 -40.59 -18.56
C GLU C 250 16.24 -39.41 -18.75
N ASP C 251 16.79 -39.21 -19.93
CA ASP C 251 18.09 -38.51 -20.10
C ASP C 251 17.80 -37.01 -20.19
N VAL C 252 17.25 -36.41 -19.13
CA VAL C 252 16.74 -35.00 -19.16
C VAL C 252 17.55 -34.15 -18.20
N HIS C 253 18.06 -33.04 -18.72
CA HIS C 253 18.83 -32.02 -17.97
C HIS C 253 17.91 -31.28 -16.98
N ILE C 254 16.62 -31.06 -17.31
CA ILE C 254 15.61 -30.38 -16.45
C ILE C 254 14.35 -31.24 -16.28
N ILE C 255 13.83 -31.33 -15.07
CA ILE C 255 12.46 -31.83 -14.79
C ILE C 255 11.66 -30.64 -14.28
N TYR C 256 10.62 -30.25 -14.97
CA TYR C 256 9.70 -29.14 -14.62
C TYR C 256 8.34 -29.73 -14.24
N MET C 257 7.99 -29.65 -12.95
CA MET C 257 6.73 -30.19 -12.38
C MET C 257 5.66 -29.09 -12.36
N THR C 258 4.42 -29.44 -12.72
CA THR C 258 3.31 -28.46 -12.82
C THR C 258 2.51 -28.47 -11.53
N ARG C 259 1.63 -27.49 -11.41
CA ARG C 259 0.65 -27.33 -10.32
C ARG C 259 -0.54 -28.28 -10.55
N ILE C 260 -1.61 -28.04 -9.78
CA ILE C 260 -3.02 -28.42 -10.04
C ILE C 260 -3.81 -27.10 -10.23
N ASN C 276 -0.23 -37.10 -7.49
CA ASN C 276 -1.03 -38.34 -7.27
C ASN C 276 -0.54 -39.35 -8.30
N ALA C 277 -0.70 -39.00 -9.56
CA ALA C 277 -0.17 -39.75 -10.73
C ALA C 277 1.36 -39.61 -10.79
N PHE C 278 1.89 -38.41 -10.50
CA PHE C 278 3.33 -38.11 -10.58
C PHE C 278 3.76 -37.29 -9.35
N ILE C 279 3.99 -37.95 -8.23
CA ILE C 279 4.69 -37.39 -7.03
C ILE C 279 6.19 -37.67 -7.17
N LEU C 280 7.01 -36.62 -7.33
CA LEU C 280 8.49 -36.70 -7.26
C LEU C 280 8.89 -37.09 -5.83
N SER C 281 9.72 -38.14 -5.67
CA SER C 281 10.36 -38.55 -4.39
C SER C 281 11.86 -38.79 -4.64
N ASN C 282 12.68 -38.94 -3.59
CA ASN C 282 14.11 -39.34 -3.70
C ASN C 282 14.23 -40.68 -4.43
N LYS C 283 13.28 -41.60 -4.17
CA LYS C 283 13.19 -42.93 -4.82
C LYS C 283 13.09 -42.74 -6.34
N THR C 284 12.11 -41.96 -6.80
CA THR C 284 11.78 -41.78 -8.24
C THR C 284 12.82 -40.88 -8.95
N LEU C 285 13.88 -40.42 -8.26
CA LEU C 285 14.96 -39.61 -8.90
C LEU C 285 16.25 -40.43 -8.98
N GLU C 286 16.23 -41.70 -8.59
CA GLU C 286 17.44 -42.58 -8.54
C GLU C 286 18.04 -42.78 -9.95
N ASN C 287 17.23 -42.81 -11.02
CA ASN C 287 17.71 -43.03 -12.41
C ASN C 287 17.47 -41.77 -13.25
N THR C 288 18.05 -40.66 -12.80
CA THR C 288 18.12 -39.39 -13.56
C THR C 288 19.59 -39.08 -13.76
N ARG C 289 19.92 -38.13 -14.62
CA ARG C 289 21.33 -37.71 -14.86
C ARG C 289 21.91 -37.23 -13.53
N ASP C 290 23.23 -37.15 -13.44
CA ASP C 290 23.92 -36.55 -12.27
C ASP C 290 23.56 -35.07 -12.22
N ASP C 291 23.40 -34.43 -13.38
CA ASP C 291 23.38 -32.94 -13.49
C ASP C 291 21.93 -32.43 -13.49
N THR C 292 20.93 -33.32 -13.60
CA THR C 292 19.49 -32.95 -13.66
C THR C 292 19.17 -31.98 -12.49
N LYS C 293 18.27 -31.04 -12.78
CA LYS C 293 17.77 -30.00 -11.87
C LYS C 293 16.24 -29.98 -11.93
N ILE C 294 15.59 -29.85 -10.79
CA ILE C 294 14.11 -29.87 -10.67
C ILE C 294 13.62 -28.43 -10.51
N LEU C 295 12.72 -28.01 -11.41
CA LEU C 295 11.98 -26.72 -11.37
C LEU C 295 10.52 -26.97 -11.06
N HIS C 296 9.87 -25.95 -10.53
CA HIS C 296 8.42 -25.95 -10.22
C HIS C 296 8.07 -24.49 -10.00
N PRO C 297 7.06 -23.95 -10.71
CA PRO C 297 6.71 -22.54 -10.58
C PRO C 297 6.13 -22.22 -9.19
N LEU C 298 5.68 -23.24 -8.44
CA LEU C 298 5.16 -23.16 -7.06
C LEU C 298 3.85 -22.38 -7.07
N PRO C 299 2.91 -22.57 -6.12
CA PRO C 299 3.11 -23.45 -4.97
C PRO C 299 3.01 -24.93 -5.34
N ARG C 300 3.60 -25.78 -4.50
CA ARG C 300 3.44 -27.26 -4.55
C ARG C 300 2.32 -27.67 -3.57
N VAL C 301 1.87 -28.92 -3.62
CA VAL C 301 1.01 -29.56 -2.59
C VAL C 301 1.49 -30.99 -2.28
N ASN C 302 1.70 -31.84 -3.28
CA ASN C 302 2.16 -33.25 -3.08
C ASN C 302 3.08 -33.67 -4.22
N GLU C 303 2.92 -33.02 -5.39
CA GLU C 303 3.80 -33.11 -6.59
C GLU C 303 5.25 -33.41 -6.19
N ILE C 304 5.78 -32.73 -5.17
CA ILE C 304 7.19 -32.86 -4.71
C ILE C 304 7.19 -32.99 -3.19
N LYS C 305 7.69 -34.12 -2.70
CA LYS C 305 7.74 -34.42 -1.25
C LYS C 305 8.88 -33.61 -0.63
N VAL C 306 8.65 -33.12 0.58
CA VAL C 306 9.60 -32.29 1.39
C VAL C 306 10.98 -32.95 1.30
N GLU C 307 11.05 -34.29 1.40
CA GLU C 307 12.33 -35.03 1.36
C GLU C 307 13.18 -34.54 0.17
N VAL C 308 12.58 -34.03 -0.91
CA VAL C 308 13.33 -33.71 -2.16
C VAL C 308 14.06 -32.37 -2.02
N ASP C 309 13.55 -31.48 -1.17
CA ASP C 309 14.14 -30.15 -0.88
C ASP C 309 15.61 -30.30 -0.48
N SER C 310 15.93 -31.40 0.21
CA SER C 310 17.27 -31.70 0.78
C SER C 310 18.19 -32.25 -0.30
N ASN C 311 17.58 -32.77 -1.37
CA ASN C 311 18.27 -33.38 -2.54
C ASN C 311 18.89 -32.28 -3.40
N PRO C 312 20.24 -32.26 -3.58
CA PRO C 312 20.93 -31.19 -4.32
C PRO C 312 20.43 -30.91 -5.75
N LYS C 313 19.66 -31.81 -6.35
CA LYS C 313 19.06 -31.59 -7.70
C LYS C 313 17.93 -30.55 -7.64
N SER C 314 17.20 -30.43 -6.52
CA SER C 314 16.06 -29.50 -6.37
C SER C 314 16.55 -28.04 -6.42
N VAL C 315 15.96 -27.19 -7.24
CA VAL C 315 16.31 -25.74 -7.36
C VAL C 315 15.07 -24.86 -7.47
N TYR C 316 13.88 -25.39 -7.15
CA TYR C 316 12.58 -24.66 -7.31
C TYR C 316 12.57 -23.40 -6.46
N PHE C 317 13.34 -23.37 -5.36
CA PHE C 317 13.38 -22.22 -4.43
C PHE C 317 14.33 -21.15 -5.00
N THR C 318 15.44 -21.54 -5.61
CA THR C 318 16.33 -20.58 -6.32
C THR C 318 15.57 -19.96 -7.51
N GLN C 319 14.80 -20.79 -8.20
CA GLN C 319 13.96 -20.37 -9.35
C GLN C 319 13.08 -19.21 -8.92
N ALA C 320 12.34 -19.38 -7.82
CA ALA C 320 11.40 -18.36 -7.28
C ALA C 320 12.17 -17.09 -6.91
N GLU C 321 13.33 -17.27 -6.30
CA GLU C 321 14.24 -16.18 -5.90
C GLU C 321 14.66 -15.42 -7.16
N ASN C 322 14.85 -16.09 -8.29
CA ASN C 322 15.42 -15.46 -9.51
C ASN C 322 14.40 -14.52 -10.14
N GLY C 323 13.13 -14.70 -9.78
CA GLY C 323 12.03 -13.78 -10.13
C GLY C 323 12.37 -12.34 -9.80
N LEU C 324 12.97 -12.12 -8.65
CA LEU C 324 13.32 -10.75 -8.22
C LEU C 324 14.30 -10.15 -9.26
N TYR C 325 15.31 -10.92 -9.69
CA TYR C 325 16.48 -10.40 -10.45
C TYR C 325 16.04 -10.13 -11.89
N VAL C 326 15.21 -11.02 -12.41
CA VAL C 326 14.61 -10.91 -13.77
C VAL C 326 13.61 -9.75 -13.84
N ARG C 327 12.73 -9.59 -12.84
CA ARG C 327 11.73 -8.49 -12.80
C ARG C 327 12.47 -7.17 -12.63
N MET C 328 13.57 -7.12 -11.88
CA MET C 328 14.35 -5.86 -11.75
C MET C 328 14.96 -5.52 -13.12
N ALA C 329 15.51 -6.53 -13.80
CA ALA C 329 16.24 -6.34 -15.07
C ALA C 329 15.25 -5.79 -16.10
N LEU C 330 14.07 -6.41 -16.13
CA LEU C 330 13.03 -6.04 -17.11
C LEU C 330 12.59 -4.58 -16.84
N LEU C 331 12.32 -4.22 -15.59
CA LEU C 331 11.90 -2.83 -15.24
C LEU C 331 13.00 -1.84 -15.65
N TYR C 332 14.27 -2.17 -15.33
CA TYR C 332 15.46 -1.33 -15.61
C TYR C 332 15.54 -1.08 -17.13
N LEU C 333 15.36 -2.14 -17.94
CA LEU C 333 15.65 -2.08 -19.40
C LEU C 333 14.54 -1.26 -20.08
N ILE C 334 13.33 -1.31 -19.52
CA ILE C 334 12.14 -0.64 -20.14
C ILE C 334 12.06 0.82 -19.73
N PHE C 335 12.31 1.14 -18.46
CA PHE C 335 11.93 2.44 -17.86
C PHE C 335 13.13 3.35 -17.63
N SER C 336 14.38 2.89 -17.76
CA SER C 336 15.57 3.76 -17.63
C SER C 336 15.47 4.89 -18.64
N SER C 337 15.91 6.09 -18.26
CA SER C 337 15.88 7.30 -19.13
C SER C 337 17.24 7.49 -19.83
N THR C 338 18.15 8.30 -19.28
CA THR C 338 19.51 8.57 -19.85
C THR C 338 20.32 7.27 -19.98
N SER C 339 20.33 6.44 -18.92
CA SER C 339 20.98 5.10 -18.79
C SER C 339 22.38 5.10 -19.44
N SER C 340 23.42 5.36 -18.64
CA SER C 340 24.74 5.87 -19.11
C SER C 340 25.86 4.85 -18.88
N SER C 343 27.36 4.11 -15.98
CA SER C 343 26.39 3.88 -14.87
C SER C 343 25.37 2.77 -15.20
N HIS C 344 25.70 1.82 -16.10
CA HIS C 344 24.98 0.53 -16.32
C HIS C 344 25.29 -0.42 -15.16
N PRO C 345 24.49 -1.50 -14.96
CA PRO C 345 24.57 -2.26 -13.71
C PRO C 345 25.95 -2.93 -13.56
N GLN C 346 26.80 -2.35 -12.70
CA GLN C 346 28.07 -2.92 -12.18
C GLN C 346 28.35 -2.32 -10.80
#